data_1MS5
#
_entry.id   1MS5
#
_cell.length_a   51.365
_cell.length_b   74.692
_cell.length_c   88.074
_cell.angle_alpha   86.00
_cell.angle_beta   84.20
_cell.angle_gamma   88.38
#
_symmetry.space_group_name_H-M   'P 1'
#
loop_
_entity.id
_entity.type
_entity.pdbx_description
1 polymer trans-sialidase
2 water water
#
_entity_poly.entity_id   1
_entity_poly.type   'polypeptide(L)'
_entity_poly.pdbx_seq_one_letter_code
;MGGSHHHHHHGMASLAPGSSRVELFKRQSSKVPFEKDGKVTERVVHSFRLPALVNVDGVMVAIADARYETSFDNSLIDTV
AKYSVDDGETWETQIAIKNSRASSVSRVVDPTVIVKGNKLYVLVGSYNSSRSYWTSHGDARDWDILLAVGEVTKSTAGGK
ITASIKWGSPVSLKEFFPAEMEGMHTNQFLGGAGVAIVASNGNLVYPVQVTNKKKQVFSKIFYSEDEGKTWKFGKGRSAF
GCSEPVALEWEGKLIINTRVDYRRRLVYESSDMGNTWLEAVGTLSRVWGPSPKSNQPGSQSSFTAVTIEGMRVMLFTHPL
NFKGRWLRDRLNLWLTDNQRIYNVGQVSIGDENSAYSSVLYKDDKLYCLHEINSNEVYSLVFARLVGELRIIKSVLQSWK
NWDSHLSSICTPADPAASSSERGCGPAVTTVGLVGFLSHSATKTEWEDAYRCVNASTANAERVPNGLKFAGVGGGALWPV
SQQGQNQRYFFANHAFTLVASVTIHEVPKGASPLLGASLDSSGGKKLLGLSYDKRHQWQPIYGSTPVTPTGSWEMGKRYH
VVLTMANKIGSVYIDGEPLEGSGQTVVPDERTPDISHFYVGGYKRSGMPTDSRVTVNNVLLYNRQLNAEEIRTLFLSQDL
IGTEAHMD
;
_entity_poly.pdbx_strand_id   A,B
#
# COMPACT_ATOMS: atom_id res chain seq x y z
N ALA A 16 16.29 5.55 -6.78
CA ALA A 16 15.91 4.97 -8.14
C ALA A 16 16.04 3.41 -8.19
N PRO A 17 15.08 2.66 -7.64
CA PRO A 17 15.22 1.20 -7.53
C PRO A 17 15.31 0.52 -8.88
N GLY A 18 16.17 -0.48 -8.96
CA GLY A 18 16.35 -1.16 -10.21
C GLY A 18 17.44 -0.51 -11.03
N SER A 19 17.77 0.75 -10.77
CA SER A 19 18.81 1.45 -11.53
C SER A 19 20.23 1.12 -11.07
N SER A 20 21.23 1.26 -11.94
CA SER A 20 22.64 1.01 -11.57
C SER A 20 23.63 1.87 -12.40
N ARG A 21 24.87 2.01 -11.93
CA ARG A 21 25.87 2.68 -12.74
C ARG A 21 27.30 2.14 -12.56
N VAL A 22 28.17 2.56 -13.47
CA VAL A 22 29.64 2.34 -13.36
C VAL A 22 30.38 3.68 -13.67
N GLU A 23 31.58 3.86 -13.14
CA GLU A 23 32.40 5.08 -13.40
C GLU A 23 33.14 4.71 -14.68
N LEU A 24 32.62 5.12 -15.83
CA LEU A 24 33.17 4.70 -17.12
C LEU A 24 34.44 5.47 -17.52
N PHE A 25 34.33 6.80 -17.48
CA PHE A 25 35.50 7.64 -17.72
C PHE A 25 35.98 8.05 -16.31
N LYS A 26 36.93 7.29 -15.76
CA LYS A 26 37.34 7.45 -14.35
C LYS A 26 38.49 8.45 -14.18
N ARG A 27 38.24 9.51 -13.43
CA ARG A 27 39.20 10.57 -13.20
C ARG A 27 40.55 10.02 -12.63
N GLN A 28 41.69 10.50 -13.15
CA GLN A 28 43.01 10.17 -12.61
C GLN A 28 43.31 8.67 -12.75
N SER A 29 42.60 8.00 -13.66
CA SER A 29 42.78 6.56 -13.78
C SER A 29 42.64 6.08 -15.23
N SER A 30 41.50 6.34 -15.84
CA SER A 30 41.32 5.92 -17.22
C SER A 30 42.41 6.51 -18.12
N LYS A 31 42.95 5.68 -19.01
CA LYS A 31 43.92 6.13 -20.02
C LYS A 31 43.35 6.27 -21.46
N VAL A 32 44.00 7.15 -22.24
CA VAL A 32 43.69 7.38 -23.66
C VAL A 32 44.96 7.32 -24.53
N PRO A 33 44.84 7.03 -25.82
CA PRO A 33 46.04 7.02 -26.69
C PRO A 33 46.46 8.43 -27.09
N PHE A 34 47.41 9.00 -26.37
CA PHE A 34 47.92 10.37 -26.57
C PHE A 34 49.01 10.40 -27.63
N GLU A 35 48.74 11.07 -28.74
CA GLU A 35 49.60 11.09 -29.89
C GLU A 35 50.28 12.46 -30.01
N LYS A 36 51.60 12.45 -30.05
CA LYS A 36 52.42 13.66 -30.24
C LYS A 36 53.58 13.33 -31.15
N ASP A 37 53.70 14.08 -32.25
CA ASP A 37 54.86 13.98 -33.16
C ASP A 37 55.10 12.54 -33.62
N GLY A 38 54.05 11.91 -34.12
CA GLY A 38 54.14 10.53 -34.58
C GLY A 38 54.29 9.42 -33.56
N LYS A 39 54.34 9.76 -32.28
CA LYS A 39 54.48 8.75 -31.23
C LYS A 39 53.19 8.66 -30.35
N VAL A 40 52.77 7.45 -30.04
CA VAL A 40 51.56 7.27 -29.27
C VAL A 40 51.86 6.66 -27.91
N THR A 41 51.25 7.20 -26.87
CA THR A 41 51.40 6.61 -25.53
C THR A 41 50.13 6.66 -24.68
N GLU A 42 49.90 5.54 -24.02
CA GLU A 42 48.75 5.42 -23.12
C GLU A 42 48.93 6.40 -21.97
N ARG A 43 48.02 7.37 -21.85
CA ARG A 43 48.18 8.44 -20.88
C ARG A 43 46.98 8.63 -19.93
N VAL A 44 47.25 8.64 -18.64
CA VAL A 44 46.21 8.87 -17.65
C VAL A 44 45.67 10.29 -17.78
N VAL A 45 44.37 10.41 -17.64
CA VAL A 45 43.67 11.69 -17.72
C VAL A 45 43.13 12.21 -16.38
N HIS A 46 43.31 13.49 -16.09
CA HIS A 46 42.85 14.08 -14.80
C HIS A 46 41.32 14.15 -14.71
N SER A 47 40.66 14.76 -15.69
CA SER A 47 39.22 14.94 -15.62
C SER A 47 38.53 14.76 -16.98
N PHE A 48 37.33 14.23 -16.96
CA PHE A 48 36.49 14.13 -18.17
C PHE A 48 35.21 14.96 -17.92
N ARG A 49 34.85 15.84 -18.88
CA ARG A 49 33.67 16.68 -18.79
C ARG A 49 32.97 16.64 -20.17
N LEU A 50 31.84 17.31 -20.26
CA LEU A 50 31.08 17.54 -21.49
C LEU A 50 30.62 16.26 -22.23
N PRO A 51 29.78 15.45 -21.56
CA PRO A 51 29.36 14.19 -22.13
C PRO A 51 28.38 14.33 -23.25
N ALA A 52 28.53 13.46 -24.24
CA ALA A 52 27.60 13.28 -25.36
C ALA A 52 27.51 11.77 -25.63
N LEU A 53 26.29 11.21 -25.52
CA LEU A 53 26.02 9.81 -25.69
C LEU A 53 25.08 9.54 -26.84
N VAL A 54 25.52 8.77 -27.80
CA VAL A 54 24.69 8.49 -28.98
C VAL A 54 24.69 7.04 -29.37
N ASN A 55 23.79 6.72 -30.29
CA ASN A 55 23.67 5.40 -30.88
C ASN A 55 23.91 5.53 -32.35
N VAL A 56 24.90 4.83 -32.89
CA VAL A 56 25.11 4.83 -34.34
C VAL A 56 24.93 3.40 -34.83
N ASP A 57 23.81 3.14 -35.46
CA ASP A 57 23.54 1.80 -36.04
C ASP A 57 23.82 0.64 -35.06
N GLY A 58 23.32 0.78 -33.83
CA GLY A 58 23.50 -0.27 -32.85
C GLY A 58 24.74 -0.16 -32.01
N VAL A 59 25.70 0.67 -32.42
CA VAL A 59 26.91 0.93 -31.61
C VAL A 59 26.79 2.17 -30.71
N MET A 60 27.01 2.03 -29.41
CA MET A 60 26.88 3.15 -28.47
C MET A 60 28.18 3.88 -28.57
N VAL A 61 28.12 5.20 -28.66
CA VAL A 61 29.35 5.99 -28.78
C VAL A 61 29.31 7.14 -27.74
N ALA A 62 30.32 7.22 -26.91
CA ALA A 62 30.38 8.22 -25.85
C ALA A 62 31.56 9.14 -26.13
N ILE A 63 31.27 10.43 -26.29
CA ILE A 63 32.29 11.44 -26.63
C ILE A 63 32.40 12.48 -25.48
N ALA A 64 33.62 12.92 -25.16
CA ALA A 64 33.83 13.89 -24.12
C ALA A 64 35.21 14.56 -24.24
N ASP A 65 35.38 15.60 -23.42
CA ASP A 65 36.62 16.31 -23.27
C ASP A 65 37.48 15.41 -22.38
N ALA A 66 38.71 15.22 -22.77
CA ALA A 66 39.71 14.61 -21.91
C ALA A 66 40.69 15.70 -21.47
N ARG A 67 40.53 16.17 -20.24
CA ARG A 67 41.39 17.27 -19.73
C ARG A 67 42.58 16.59 -18.98
N TYR A 68 43.72 16.48 -19.66
CA TYR A 68 44.88 15.74 -19.16
C TYR A 68 45.51 16.08 -17.79
N GLU A 69 45.60 17.35 -17.41
CA GLU A 69 46.35 17.75 -16.22
C GLU A 69 45.55 18.45 -15.16
N THR A 70 44.42 19.04 -15.54
CA THR A 70 43.61 19.74 -14.58
C THR A 70 42.22 19.88 -15.22
N SER A 71 41.22 20.17 -14.37
CA SER A 71 39.85 20.41 -14.82
C SER A 71 39.63 21.88 -15.25
N PHE A 72 40.62 22.77 -15.06
CA PHE A 72 40.52 24.20 -15.50
C PHE A 72 40.17 24.28 -17.00
N ASP A 73 39.30 25.21 -17.41
CA ASP A 73 38.85 25.17 -18.77
C ASP A 73 39.96 25.42 -19.77
N ASN A 74 40.89 26.28 -19.43
CA ASN A 74 41.85 26.70 -20.41
C ASN A 74 43.15 25.91 -20.19
N SER A 75 43.13 24.63 -20.57
CA SER A 75 44.25 23.72 -20.31
C SER A 75 44.33 22.65 -21.40
N LEU A 76 45.28 21.71 -21.33
CA LEU A 76 45.48 20.71 -22.40
C LEU A 76 44.26 19.77 -22.50
N ILE A 77 43.56 19.81 -23.63
CA ILE A 77 42.33 19.02 -23.80
C ILE A 77 42.24 18.40 -25.23
N ASP A 78 41.98 17.09 -25.30
CA ASP A 78 41.68 16.37 -26.54
C ASP A 78 40.22 15.90 -26.47
N THR A 79 39.60 15.58 -27.60
CA THR A 79 38.27 14.97 -27.60
C THR A 79 38.40 13.44 -27.57
N VAL A 80 37.83 12.79 -26.55
CA VAL A 80 37.93 11.34 -26.48
C VAL A 80 36.65 10.66 -26.90
N ALA A 81 36.79 9.46 -27.43
CA ALA A 81 35.63 8.63 -27.73
C ALA A 81 35.81 7.20 -27.17
N LYS A 82 34.77 6.70 -26.49
CA LYS A 82 34.68 5.30 -26.21
C LYS A 82 33.48 4.72 -27.01
N TYR A 83 33.55 3.47 -27.48
CA TYR A 83 32.41 2.83 -28.13
C TYR A 83 32.20 1.37 -27.68
N SER A 84 30.95 0.94 -27.74
CA SER A 84 30.58 -0.38 -27.24
C SER A 84 29.54 -1.01 -28.12
N VAL A 85 29.67 -2.31 -28.45
CA VAL A 85 28.66 -3.04 -29.22
C VAL A 85 27.78 -3.94 -28.37
N ASP A 86 28.02 -3.90 -27.06
CA ASP A 86 27.25 -4.67 -26.06
C ASP A 86 26.43 -3.86 -25.06
N ASP A 87 25.81 -2.75 -25.48
CA ASP A 87 25.02 -1.93 -24.54
C ASP A 87 25.80 -1.43 -23.28
N GLY A 88 27.09 -1.24 -23.41
CA GLY A 88 27.82 -0.52 -22.37
C GLY A 88 28.46 -1.40 -21.32
N GLU A 89 28.50 -2.70 -21.54
CA GLU A 89 29.18 -3.58 -20.62
C GLU A 89 30.72 -3.57 -20.92
N THR A 90 31.10 -3.45 -22.17
CA THR A 90 32.52 -3.28 -22.49
C THR A 90 32.71 -2.26 -23.58
N TRP A 91 33.86 -1.56 -23.54
CA TRP A 91 34.12 -0.41 -24.41
C TRP A 91 35.53 -0.40 -24.95
N GLU A 92 35.65 0.14 -26.18
CA GLU A 92 36.94 0.50 -26.78
C GLU A 92 37.16 2.04 -26.67
N THR A 93 38.43 2.49 -26.55
CA THR A 93 38.81 3.90 -26.27
C THR A 93 39.71 4.50 -27.38
N GLN A 94 39.36 5.67 -27.92
CA GLN A 94 40.18 6.41 -28.91
C GLN A 94 40.27 7.86 -28.54
N ILE A 95 41.15 8.58 -29.25
CA ILE A 95 41.08 10.00 -29.28
C ILE A 95 40.43 10.33 -30.63
N ALA A 96 39.24 10.91 -30.58
CA ALA A 96 38.55 11.34 -31.82
C ALA A 96 39.14 12.57 -32.52
N ILE A 97 39.56 13.58 -31.77
CA ILE A 97 40.15 14.81 -32.35
C ILE A 97 41.25 15.24 -31.34
N LYS A 98 42.43 15.51 -31.88
CA LYS A 98 43.52 16.02 -31.07
C LYS A 98 43.67 17.54 -31.26
N ASN A 99 44.09 18.19 -30.19
CA ASN A 99 44.40 19.60 -30.24
C ASN A 99 45.68 19.90 -31.05
N SER A 100 46.03 21.18 -31.18
CA SER A 100 47.16 21.59 -31.98
C SER A 100 48.54 21.28 -31.42
N ARG A 101 48.66 20.91 -30.17
CA ARG A 101 49.99 20.67 -29.60
C ARG A 101 50.87 21.96 -29.61
N ALA A 102 50.28 23.15 -29.84
CA ALA A 102 51.07 24.37 -29.83
C ALA A 102 51.61 24.76 -28.46
N SER A 103 50.87 24.51 -27.37
CA SER A 103 51.37 24.85 -26.04
C SER A 103 50.79 23.91 -25.00
N SER A 104 51.17 24.10 -23.71
CA SER A 104 50.62 23.29 -22.60
C SER A 104 49.13 23.52 -22.37
N VAL A 105 48.53 24.49 -23.06
CA VAL A 105 47.11 24.77 -22.87
C VAL A 105 46.28 24.65 -24.23
N SER A 106 46.85 24.00 -25.25
CA SER A 106 46.19 23.82 -26.53
C SER A 106 44.97 22.94 -26.30
N ARG A 107 43.85 23.20 -26.98
CA ARG A 107 42.62 22.46 -26.62
C ARG A 107 41.54 22.47 -27.68
N VAL A 108 40.86 21.38 -27.88
CA VAL A 108 39.64 21.36 -28.71
C VAL A 108 38.51 21.24 -27.68
N VAL A 109 37.47 22.04 -27.81
CA VAL A 109 36.52 22.16 -26.77
C VAL A 109 35.05 22.10 -27.22
N ASP A 110 34.19 21.92 -26.20
CA ASP A 110 32.73 21.74 -26.32
C ASP A 110 32.33 20.91 -27.54
N PRO A 111 32.83 19.69 -27.63
CA PRO A 111 32.50 18.81 -28.75
C PRO A 111 30.95 18.60 -28.86
N THR A 112 30.40 18.92 -30.04
CA THR A 112 28.97 18.83 -30.35
C THR A 112 28.75 17.85 -31.50
N VAL A 113 27.89 16.88 -31.22
CA VAL A 113 27.72 15.70 -32.02
C VAL A 113 26.39 15.55 -32.75
N ILE A 114 26.48 15.18 -34.04
CA ILE A 114 25.36 14.76 -34.83
C ILE A 114 25.59 13.37 -35.43
N VAL A 115 24.54 12.52 -35.44
CA VAL A 115 24.63 11.23 -36.07
C VAL A 115 23.81 11.28 -37.35
N LYS A 116 24.42 10.88 -38.48
CA LYS A 116 23.69 10.67 -39.76
C LYS A 116 24.21 9.43 -40.48
N GLY A 117 23.36 8.42 -40.59
CA GLY A 117 23.76 7.17 -41.24
C GLY A 117 24.85 6.55 -40.38
N ASN A 118 25.97 6.21 -40.99
N ASN A 118 25.97 6.20 -40.99
CA ASN A 118 27.08 5.63 -40.30
CA ASN A 118 27.07 5.62 -40.26
C ASN A 118 28.12 6.66 -39.90
C ASN A 118 28.12 6.67 -39.88
N LYS A 119 27.73 7.95 -39.92
CA LYS A 119 28.68 9.06 -39.60
C LYS A 119 28.45 9.83 -38.33
N LEU A 120 29.57 10.14 -37.69
CA LEU A 120 29.56 10.95 -36.49
C LEU A 120 30.21 12.28 -36.92
N TYR A 121 29.46 13.37 -36.89
CA TYR A 121 29.94 14.72 -37.20
C TYR A 121 30.21 15.34 -35.85
N VAL A 122 31.45 15.78 -35.61
CA VAL A 122 31.85 16.37 -34.32
C VAL A 122 32.44 17.79 -34.53
N LEU A 123 31.75 18.80 -33.97
CA LEU A 123 32.14 20.20 -34.09
C LEU A 123 32.80 20.66 -32.79
N VAL A 124 34.03 21.19 -32.87
CA VAL A 124 34.76 21.72 -31.72
C VAL A 124 35.44 23.03 -31.99
N GLY A 125 35.46 23.88 -30.96
CA GLY A 125 36.34 25.01 -30.99
C GLY A 125 37.76 24.49 -30.80
N SER A 126 38.74 25.27 -31.29
CA SER A 126 40.18 24.95 -31.15
C SER A 126 40.97 26.20 -30.76
N TYR A 127 41.72 26.11 -29.67
CA TYR A 127 42.50 27.22 -29.15
C TYR A 127 43.95 26.80 -28.98
N ASN A 128 44.88 27.75 -29.17
CA ASN A 128 46.33 27.47 -29.15
C ASN A 128 47.09 27.75 -27.88
N SER A 129 46.94 28.96 -27.31
N SER A 129 46.87 28.94 -27.28
CA SER A 129 47.72 29.33 -26.13
CA SER A 129 47.71 29.40 -26.16
C SER A 129 47.06 30.29 -25.12
C SER A 129 47.05 30.27 -25.11
N SER A 130 45.85 30.75 -25.39
CA SER A 130 45.21 31.66 -24.41
C SER A 130 45.00 31.05 -23.00
N ARG A 131 45.07 31.91 -21.97
CA ARG A 131 44.81 31.47 -20.62
C ARG A 131 43.49 31.98 -20.00
N SER A 132 42.62 32.57 -20.82
CA SER A 132 41.32 33.13 -20.41
C SER A 132 40.14 32.48 -21.17
N TYR A 133 38.93 32.58 -20.60
CA TYR A 133 37.77 31.89 -21.21
C TYR A 133 37.34 32.66 -22.49
N TRP A 134 36.87 31.92 -23.50
CA TRP A 134 36.56 32.46 -24.85
C TRP A 134 35.72 33.76 -24.90
N THR A 135 34.76 33.87 -23.98
CA THR A 135 33.89 35.02 -23.93
C THR A 135 34.60 36.29 -23.47
N SER A 136 35.83 36.16 -22.97
N SER A 136 35.83 36.18 -22.95
CA SER A 136 36.63 37.32 -22.53
CA SER A 136 36.60 37.34 -22.54
C SER A 136 37.54 37.85 -23.65
C SER A 136 37.53 37.86 -23.66
N HIS A 137 37.69 37.08 -24.72
CA HIS A 137 38.55 37.49 -25.81
C HIS A 137 38.12 38.78 -26.53
N GLY A 138 39.04 39.75 -26.61
CA GLY A 138 38.78 40.94 -27.42
C GLY A 138 39.03 40.71 -28.93
N ASP A 139 39.65 39.60 -29.32
CA ASP A 139 39.92 39.30 -30.73
C ASP A 139 39.80 37.80 -31.07
N ALA A 140 39.96 37.42 -32.33
CA ALA A 140 39.86 36.02 -32.78
C ALA A 140 41.20 35.34 -33.09
N ARG A 141 42.31 35.96 -32.70
CA ARG A 141 43.65 35.45 -33.01
C ARG A 141 44.01 34.02 -32.53
N ASP A 142 43.48 33.59 -31.39
CA ASP A 142 43.76 32.24 -30.83
C ASP A 142 42.67 31.22 -31.19
N TRP A 143 41.67 31.60 -32.00
CA TRP A 143 40.53 30.70 -32.24
C TRP A 143 40.39 30.10 -33.67
N ASP A 144 39.81 28.89 -33.77
CA ASP A 144 39.39 28.28 -35.02
C ASP A 144 38.20 27.38 -34.66
N ILE A 145 37.43 27.00 -35.66
CA ILE A 145 36.26 26.19 -35.53
C ILE A 145 36.39 25.05 -36.55
N LEU A 146 36.44 23.81 -36.00
CA LEU A 146 36.79 22.58 -36.77
C LEU A 146 35.69 21.54 -36.74
N LEU A 147 35.57 20.80 -37.85
CA LEU A 147 34.60 19.69 -37.94
C LEU A 147 35.37 18.41 -38.22
N ALA A 148 35.09 17.37 -37.44
CA ALA A 148 35.62 16.05 -37.78
C ALA A 148 34.50 15.04 -38.03
N VAL A 149 34.74 14.13 -38.96
CA VAL A 149 33.77 13.03 -39.26
C VAL A 149 34.36 11.67 -38.95
N GLY A 150 33.61 10.90 -38.15
CA GLY A 150 34.00 9.56 -37.81
C GLY A 150 33.15 8.56 -38.55
N GLU A 151 33.77 7.59 -39.21
CA GLU A 151 33.01 6.56 -39.94
C GLU A 151 32.94 5.27 -39.14
N VAL A 152 31.73 4.86 -38.80
CA VAL A 152 31.54 3.68 -38.01
C VAL A 152 31.25 2.47 -38.91
N THR A 153 32.07 1.41 -38.81
CA THR A 153 31.85 0.14 -39.55
C THR A 153 31.71 -1.02 -38.57
N LYS A 154 30.88 -2.01 -38.94
CA LYS A 154 30.67 -3.20 -38.08
C LYS A 154 31.04 -4.47 -38.88
N SER A 155 31.54 -5.48 -38.18
CA SER A 155 31.93 -6.75 -38.84
C SER A 155 31.38 -7.94 -38.05
N THR A 156 30.96 -9.00 -38.75
CA THR A 156 30.46 -10.22 -38.11
C THR A 156 31.44 -11.36 -38.20
N ALA A 157 32.67 -11.05 -38.62
CA ALA A 157 33.68 -12.08 -38.78
C ALA A 157 33.87 -12.86 -37.48
N GLY A 158 34.05 -14.18 -37.57
CA GLY A 158 34.29 -14.97 -36.35
C GLY A 158 33.04 -15.25 -35.52
N GLY A 159 31.89 -14.98 -36.09
CA GLY A 159 30.66 -15.17 -35.34
C GLY A 159 30.49 -14.15 -34.18
N LYS A 160 31.17 -13.02 -34.27
CA LYS A 160 30.96 -11.95 -33.30
C LYS A 160 30.79 -10.56 -33.98
N ILE A 161 30.23 -9.59 -33.24
CA ILE A 161 30.13 -8.25 -33.79
C ILE A 161 31.34 -7.47 -33.30
N THR A 162 32.09 -6.90 -34.21
CA THR A 162 33.23 -6.08 -33.89
C THR A 162 32.93 -4.73 -34.59
N ALA A 163 33.02 -3.62 -33.86
CA ALA A 163 32.87 -2.30 -34.49
C ALA A 163 34.23 -1.63 -34.60
N SER A 164 34.32 -0.69 -35.55
CA SER A 164 35.50 0.13 -35.73
C SER A 164 35.08 1.59 -36.09
N ILE A 165 35.86 2.59 -35.67
CA ILE A 165 35.58 3.99 -36.00
C ILE A 165 36.86 4.67 -36.54
N LYS A 166 36.80 5.13 -37.79
CA LYS A 166 37.89 5.84 -38.46
C LYS A 166 37.59 7.34 -38.47
N TRP A 167 38.39 8.06 -37.71
CA TRP A 167 38.21 9.50 -37.57
C TRP A 167 39.02 10.21 -38.65
N GLY A 168 38.33 11.00 -39.47
CA GLY A 168 39.02 11.77 -40.50
C GLY A 168 39.73 12.94 -39.87
N SER A 169 40.54 13.65 -40.65
CA SER A 169 41.25 14.84 -40.16
C SER A 169 40.24 15.99 -40.11
N PRO A 170 40.34 16.82 -39.06
CA PRO A 170 39.44 17.97 -38.92
C PRO A 170 39.66 19.03 -40.01
N VAL A 171 38.55 19.59 -40.45
CA VAL A 171 38.55 20.68 -41.41
C VAL A 171 38.06 21.97 -40.74
N SER A 172 38.72 23.09 -41.01
CA SER A 172 38.29 24.35 -40.42
C SER A 172 37.02 24.86 -41.12
N LEU A 173 36.00 25.28 -40.38
CA LEU A 173 34.80 25.91 -40.99
C LEU A 173 34.83 27.44 -40.91
N LYS A 174 35.99 28.02 -40.61
CA LYS A 174 36.07 29.47 -40.41
C LYS A 174 35.51 30.28 -41.62
N GLU A 175 35.69 29.78 -42.85
CA GLU A 175 35.26 30.50 -44.06
C GLU A 175 33.77 30.73 -44.14
N PHE A 176 33.00 30.06 -43.27
CA PHE A 176 31.55 30.22 -43.27
C PHE A 176 31.06 31.24 -42.21
N PHE A 177 31.98 31.93 -41.55
CA PHE A 177 31.65 32.85 -40.43
C PHE A 177 31.78 34.28 -40.95
N PRO A 178 30.64 34.95 -41.15
CA PRO A 178 30.64 36.33 -41.65
C PRO A 178 31.11 37.31 -40.60
N ALA A 179 31.84 38.32 -41.06
CA ALA A 179 32.34 39.36 -40.21
C ALA A 179 31.23 40.23 -39.61
N GLU A 180 30.10 40.29 -40.32
CA GLU A 180 28.97 41.08 -39.84
C GLU A 180 27.67 40.27 -39.82
N MET A 181 26.82 40.55 -38.81
CA MET A 181 25.51 39.93 -38.58
C MET A 181 24.59 41.00 -38.07
N GLU A 182 23.45 41.18 -38.73
CA GLU A 182 22.41 42.07 -38.30
C GLU A 182 22.92 43.16 -37.38
N GLY A 183 23.79 43.99 -37.96
CA GLY A 183 24.36 45.14 -37.29
C GLY A 183 25.77 45.01 -36.76
N MET A 184 25.93 44.02 -35.90
CA MET A 184 27.15 43.84 -35.09
C MET A 184 28.32 43.26 -35.86
N HIS A 185 29.51 43.31 -35.27
CA HIS A 185 30.68 42.60 -35.82
C HIS A 185 30.94 41.35 -34.95
N THR A 186 31.22 40.22 -35.59
CA THR A 186 31.33 38.92 -34.90
C THR A 186 32.72 38.70 -34.37
N ASN A 187 32.83 37.95 -33.27
CA ASN A 187 34.15 37.54 -32.77
C ASN A 187 34.49 36.04 -32.94
N GLN A 188 33.78 35.19 -32.22
CA GLN A 188 34.00 33.74 -32.23
C GLN A 188 32.65 33.02 -32.16
N PHE A 189 32.67 31.71 -32.39
CA PHE A 189 31.48 30.87 -32.15
C PHE A 189 31.88 29.44 -31.75
N LEU A 190 31.02 28.77 -30.99
CA LEU A 190 31.16 27.37 -30.64
C LEU A 190 29.85 26.63 -30.73
N GLY A 191 29.92 25.31 -30.90
CA GLY A 191 28.76 24.50 -30.70
C GLY A 191 28.25 24.63 -29.27
N GLY A 192 27.00 24.22 -29.08
CA GLY A 192 26.34 24.27 -27.78
C GLY A 192 26.67 23.14 -26.83
N ALA A 193 27.51 22.23 -27.30
CA ALA A 193 27.91 21.00 -26.62
C ALA A 193 26.80 19.88 -26.56
N GLY A 194 27.20 18.70 -26.19
CA GLY A 194 26.26 17.61 -26.17
C GLY A 194 25.87 17.12 -27.56
N VAL A 195 24.57 16.87 -27.75
CA VAL A 195 24.11 16.20 -28.95
C VAL A 195 23.12 17.08 -29.78
N ALA A 196 23.41 17.29 -31.06
CA ALA A 196 22.52 18.04 -31.95
C ALA A 196 21.77 17.06 -32.88
N ILE A 197 21.22 17.52 -34.04
CA ILE A 197 20.37 16.65 -34.85
C ILE A 197 20.45 16.83 -36.38
N VAL A 198 19.77 15.90 -37.05
CA VAL A 198 19.51 15.96 -38.46
C VAL A 198 18.06 16.37 -38.48
N ALA A 199 17.72 17.39 -39.28
CA ALA A 199 16.34 17.79 -39.33
C ALA A 199 15.59 16.85 -40.28
N SER A 200 14.26 16.94 -40.26
CA SER A 200 13.49 16.00 -41.10
C SER A 200 13.79 16.18 -42.59
N ASN A 201 14.17 17.38 -42.99
CA ASN A 201 14.51 17.61 -44.39
C ASN A 201 15.92 17.14 -44.71
N GLY A 202 16.60 16.51 -43.74
CA GLY A 202 17.97 16.05 -43.90
C GLY A 202 19.09 17.03 -43.56
N ASN A 203 18.75 18.29 -43.25
CA ASN A 203 19.79 19.27 -42.88
C ASN A 203 20.57 18.85 -41.62
N LEU A 204 21.89 19.03 -41.62
CA LEU A 204 22.67 18.94 -40.37
C LEU A 204 22.43 20.26 -39.60
N VAL A 205 22.10 20.19 -38.32
CA VAL A 205 21.68 21.37 -37.61
C VAL A 205 22.40 21.51 -36.26
N TYR A 206 23.32 22.47 -36.17
CA TYR A 206 23.96 22.80 -34.91
C TYR A 206 23.45 24.11 -34.27
N PRO A 207 22.88 24.05 -33.06
CA PRO A 207 22.57 25.31 -32.39
C PRO A 207 23.94 25.82 -31.86
N VAL A 208 24.32 27.06 -32.11
CA VAL A 208 25.64 27.57 -31.68
C VAL A 208 25.56 28.80 -30.79
N GLN A 209 26.64 29.03 -30.00
CA GLN A 209 26.79 30.20 -29.17
C GLN A 209 27.84 31.07 -29.88
N VAL A 210 27.59 32.37 -29.96
CA VAL A 210 28.37 33.32 -30.76
C VAL A 210 28.66 34.56 -29.95
N THR A 211 29.85 35.14 -30.14
CA THR A 211 30.22 36.41 -29.51
C THR A 211 30.34 37.55 -30.55
N ASN A 212 30.04 38.78 -30.11
CA ASN A 212 30.25 39.98 -30.95
C ASN A 212 31.40 40.80 -30.35
N LYS A 213 31.83 41.86 -31.03
CA LYS A 213 32.92 42.69 -30.51
C LYS A 213 32.61 43.41 -29.20
N LYS A 214 31.35 43.49 -28.78
CA LYS A 214 31.01 43.99 -27.44
C LYS A 214 31.09 42.93 -26.35
N LYS A 215 31.53 41.73 -26.72
CA LYS A 215 31.60 40.61 -25.77
C LYS A 215 30.20 40.09 -25.31
N GLN A 216 29.15 40.44 -26.05
CA GLN A 216 27.88 39.82 -25.75
C GLN A 216 27.88 38.38 -26.34
N VAL A 217 27.13 37.50 -25.69
N VAL A 217 27.14 37.50 -25.68
CA VAL A 217 26.97 36.12 -26.12
CA VAL A 217 26.96 36.12 -26.14
C VAL A 217 25.51 35.94 -26.53
C VAL A 217 25.51 35.94 -26.53
N PHE A 218 25.27 35.14 -27.57
CA PHE A 218 23.92 34.87 -28.07
C PHE A 218 23.91 33.58 -28.86
N SER A 219 22.72 33.01 -29.09
CA SER A 219 22.61 31.73 -29.80
C SER A 219 21.98 31.88 -31.21
N LYS A 220 22.44 31.06 -32.15
CA LYS A 220 21.94 31.03 -33.56
C LYS A 220 21.83 29.55 -34.02
N ILE A 221 21.35 29.37 -35.25
CA ILE A 221 21.32 28.09 -35.91
C ILE A 221 22.37 28.12 -37.03
N PHE A 222 23.26 27.11 -36.99
CA PHE A 222 24.33 26.90 -37.94
C PHE A 222 23.98 25.59 -38.62
N TYR A 223 23.72 25.61 -39.93
CA TYR A 223 23.22 24.39 -40.58
C TYR A 223 23.86 24.10 -41.95
N SER A 224 23.74 22.84 -42.37
CA SER A 224 24.25 22.36 -43.62
C SER A 224 23.20 21.57 -44.45
N GLU A 225 23.07 21.97 -45.72
CA GLU A 225 22.14 21.34 -46.65
C GLU A 225 22.88 20.32 -47.53
N ASP A 226 24.19 20.19 -47.34
CA ASP A 226 24.93 19.28 -48.23
C ASP A 226 25.92 18.36 -47.53
N GLU A 227 25.46 17.72 -46.46
CA GLU A 227 26.27 16.75 -45.74
C GLU A 227 27.57 17.31 -45.09
N GLY A 228 27.57 18.61 -44.77
CA GLY A 228 28.69 19.19 -44.03
C GLY A 228 29.76 19.80 -44.88
N LYS A 229 29.47 19.91 -46.16
CA LYS A 229 30.41 20.49 -47.07
C LYS A 229 30.49 22.00 -46.90
N THR A 230 29.31 22.61 -46.83
CA THR A 230 29.19 24.06 -46.64
C THR A 230 28.12 24.32 -45.59
N TRP A 231 28.28 25.43 -44.88
CA TRP A 231 27.42 25.83 -43.76
C TRP A 231 26.86 27.27 -43.91
N LYS A 232 25.69 27.50 -43.33
CA LYS A 232 25.05 28.80 -43.32
C LYS A 232 24.56 29.14 -41.91
N PHE A 233 24.34 30.42 -41.66
CA PHE A 233 23.73 30.86 -40.42
C PHE A 233 22.30 31.38 -40.70
N GLY A 234 21.39 31.08 -39.79
CA GLY A 234 20.08 31.70 -39.85
C GLY A 234 20.25 33.19 -39.51
N LYS A 235 19.30 34.03 -39.88
CA LYS A 235 19.48 35.47 -39.66
C LYS A 235 19.05 35.92 -38.29
N GLY A 236 18.20 35.14 -37.65
CA GLY A 236 17.71 35.52 -36.35
C GLY A 236 18.58 35.03 -35.21
N ARG A 237 18.19 35.34 -33.98
CA ARG A 237 18.99 35.03 -32.79
C ARG A 237 18.18 35.02 -31.49
N SER A 238 18.70 34.40 -30.45
CA SER A 238 18.08 34.59 -29.13
C SER A 238 18.40 35.98 -28.68
N ALA A 239 17.97 36.24 -27.46
CA ALA A 239 18.40 37.46 -26.77
C ALA A 239 19.83 37.32 -26.30
N PHE A 240 20.43 38.44 -25.95
CA PHE A 240 21.79 38.43 -25.39
C PHE A 240 21.82 37.76 -23.98
N GLY A 241 22.88 37.03 -23.71
CA GLY A 241 22.99 36.31 -22.44
C GLY A 241 22.67 34.80 -22.60
N CYS A 242 22.14 34.36 -23.75
CA CYS A 242 21.80 32.93 -23.96
C CYS A 242 22.99 32.11 -24.50
N SER A 243 23.53 31.19 -23.68
CA SER A 243 24.66 30.33 -24.09
C SER A 243 24.31 28.85 -24.15
N GLU A 244 25.31 28.04 -24.51
CA GLU A 244 25.18 26.56 -24.57
C GLU A 244 23.80 26.11 -24.99
N PRO A 245 23.37 26.51 -26.17
CA PRO A 245 22.02 26.10 -26.62
C PRO A 245 21.91 24.63 -27.00
N VAL A 246 20.77 23.99 -26.73
CA VAL A 246 20.52 22.61 -27.11
C VAL A 246 19.16 22.55 -27.86
N ALA A 247 19.12 21.86 -29.00
CA ALA A 247 17.91 21.88 -29.84
C ALA A 247 17.37 20.52 -30.27
N LEU A 248 16.06 20.46 -30.53
CA LEU A 248 15.41 19.30 -31.05
C LEU A 248 14.31 19.81 -32.03
N GLU A 249 13.82 18.90 -32.88
CA GLU A 249 12.67 19.21 -33.78
C GLU A 249 11.34 18.60 -33.29
N TRP A 250 10.31 19.41 -33.25
CA TRP A 250 9.00 19.04 -32.74
C TRP A 250 7.91 19.68 -33.61
N GLU A 251 7.11 18.80 -34.17
CA GLU A 251 5.98 19.19 -34.99
C GLU A 251 6.42 20.19 -36.05
N GLY A 252 7.47 19.86 -36.75
CA GLY A 252 7.96 20.70 -37.82
C GLY A 252 8.78 21.93 -37.45
N LYS A 253 9.05 22.18 -36.17
CA LYS A 253 9.79 23.36 -35.76
C LYS A 253 10.99 22.97 -34.85
N LEU A 254 12.05 23.79 -34.85
CA LEU A 254 13.15 23.62 -33.90
C LEU A 254 12.75 24.21 -32.59
N ILE A 255 13.10 23.53 -31.51
CA ILE A 255 12.92 24.04 -30.17
C ILE A 255 14.33 24.17 -29.60
N ILE A 256 14.72 25.42 -29.28
CA ILE A 256 16.05 25.78 -28.80
C ILE A 256 15.96 26.15 -27.36
N ASN A 257 16.63 25.37 -26.51
CA ASN A 257 16.53 25.50 -25.05
C ASN A 257 17.87 26.01 -24.57
N THR A 258 17.90 27.25 -24.07
CA THR A 258 19.17 27.89 -23.73
C THR A 258 19.50 28.06 -22.24
N ARG A 259 20.79 28.16 -22.01
CA ARG A 259 21.38 28.46 -20.70
C ARG A 259 21.51 29.98 -20.51
N VAL A 260 21.08 30.45 -19.34
CA VAL A 260 21.26 31.84 -18.97
C VAL A 260 21.82 31.94 -17.56
N ASP A 261 23.06 32.32 -17.43
CA ASP A 261 23.60 32.37 -16.09
C ASP A 261 22.84 33.37 -15.24
N TYR A 262 22.54 32.97 -14.02
CA TYR A 262 21.91 33.87 -13.05
C TYR A 262 20.44 34.21 -13.34
N ARG A 263 19.81 33.52 -14.30
CA ARG A 263 18.41 33.76 -14.69
C ARG A 263 17.70 32.41 -15.12
N ARG A 264 16.38 32.48 -15.28
CA ARG A 264 15.60 31.31 -15.73
C ARG A 264 15.94 31.01 -17.20
N ARG A 265 15.96 29.73 -17.56
CA ARG A 265 16.22 29.33 -18.94
C ARG A 265 15.17 29.80 -19.92
N LEU A 266 15.63 30.35 -21.03
CA LEU A 266 14.80 30.77 -22.15
C LEU A 266 14.75 29.69 -23.24
N VAL A 267 13.53 29.48 -23.78
CA VAL A 267 13.24 28.51 -24.84
C VAL A 267 12.58 29.19 -26.05
N TYR A 268 13.11 28.88 -27.23
CA TYR A 268 12.62 29.47 -28.47
C TYR A 268 12.13 28.44 -29.46
N GLU A 269 11.28 28.89 -30.36
CA GLU A 269 10.85 28.12 -31.50
C GLU A 269 11.21 28.85 -32.84
N SER A 270 11.60 28.06 -33.83
CA SER A 270 11.89 28.56 -35.18
C SER A 270 11.43 27.56 -36.26
N SER A 271 10.65 28.04 -37.24
CA SER A 271 10.20 27.18 -38.29
C SER A 271 11.06 27.31 -39.55
N ASP A 272 12.06 28.20 -39.55
CA ASP A 272 12.80 28.49 -40.80
C ASP A 272 14.31 28.44 -40.66
N MET A 273 14.81 27.40 -39.99
CA MET A 273 16.24 27.22 -39.80
C MET A 273 16.85 28.46 -39.16
N GLY A 274 16.15 29.05 -38.23
CA GLY A 274 16.70 30.14 -37.47
C GLY A 274 16.63 31.55 -38.03
N ASN A 275 15.89 31.75 -39.13
CA ASN A 275 15.76 33.10 -39.68
C ASN A 275 14.86 33.92 -38.73
N THR A 276 13.91 33.26 -38.08
CA THR A 276 13.10 33.92 -37.07
C THR A 276 12.98 33.05 -35.82
N TRP A 277 13.05 33.68 -34.65
CA TRP A 277 13.03 33.00 -33.35
C TRP A 277 11.87 33.59 -32.55
N LEU A 278 11.01 32.76 -32.01
CA LEU A 278 9.91 33.25 -31.20
C LEU A 278 9.99 32.62 -29.80
N GLU A 279 9.90 33.41 -28.75
CA GLU A 279 10.09 32.84 -27.37
C GLU A 279 8.87 31.94 -27.08
N ALA A 280 9.11 30.75 -26.56
CA ALA A 280 7.98 29.81 -26.37
C ALA A 280 7.33 30.07 -25.02
N VAL A 281 6.71 31.24 -24.90
CA VAL A 281 6.13 31.65 -23.62
C VAL A 281 4.93 30.79 -23.24
N GLY A 282 4.33 30.16 -24.22
CA GLY A 282 3.16 29.35 -23.94
C GLY A 282 3.43 27.92 -23.59
N THR A 283 4.70 27.52 -23.51
CA THR A 283 4.99 26.14 -23.21
C THR A 283 6.12 25.87 -22.22
N LEU A 284 7.35 26.09 -22.65
CA LEU A 284 8.54 25.73 -21.91
C LEU A 284 9.41 26.92 -21.43
N SER A 285 9.27 28.09 -22.06
CA SER A 285 10.13 29.18 -21.70
C SER A 285 9.90 29.64 -20.29
N ARG A 286 10.99 29.85 -19.57
CA ARG A 286 11.01 30.37 -18.18
C ARG A 286 10.53 29.39 -17.13
N VAL A 287 10.30 28.16 -17.55
CA VAL A 287 9.90 27.07 -16.65
C VAL A 287 11.06 26.65 -15.74
N TRP A 288 12.23 26.41 -16.30
CA TRP A 288 13.30 25.85 -15.49
C TRP A 288 14.26 26.92 -14.88
N GLY A 289 14.44 26.94 -13.54
CA GLY A 289 15.41 27.86 -12.89
C GLY A 289 16.74 27.16 -12.58
N PRO A 290 17.88 27.87 -12.62
CA PRO A 290 19.22 27.26 -12.39
C PRO A 290 19.61 26.96 -10.93
N SER A 291 18.79 27.40 -9.99
CA SER A 291 19.01 27.21 -8.56
C SER A 291 17.70 27.59 -7.84
N PRO A 292 17.54 27.15 -6.60
CA PRO A 292 16.32 27.47 -5.85
C PRO A 292 15.91 28.93 -5.97
N LYS A 293 16.83 29.90 -5.89
CA LYS A 293 16.47 31.33 -6.01
C LYS A 293 16.73 31.88 -7.42
N SER A 294 17.13 31.02 -8.33
CA SER A 294 17.35 31.43 -9.73
C SER A 294 18.28 32.60 -9.89
N ASN A 295 19.37 32.60 -9.11
CA ASN A 295 20.42 33.62 -9.05
C ASN A 295 21.84 33.00 -9.00
N GLN A 296 22.05 31.87 -9.68
CA GLN A 296 23.36 31.21 -9.77
C GLN A 296 23.69 30.83 -11.24
N PRO A 297 24.89 30.32 -11.49
CA PRO A 297 25.20 29.84 -12.87
C PRO A 297 24.26 28.72 -13.39
N GLY A 298 24.00 28.72 -14.70
CA GLY A 298 23.23 27.66 -15.33
C GLY A 298 24.12 26.47 -15.68
N SER A 299 23.67 25.71 -16.69
CA SER A 299 24.28 24.44 -17.02
C SER A 299 24.01 24.01 -18.43
N GLN A 300 24.87 23.14 -18.92
CA GLN A 300 24.59 22.41 -20.16
C GLN A 300 23.40 21.44 -19.84
N SER A 301 22.59 21.09 -20.83
CA SER A 301 21.44 20.19 -20.65
C SER A 301 21.29 19.19 -21.82
N SER A 302 20.84 17.96 -21.52
CA SER A 302 20.41 17.02 -22.56
C SER A 302 18.95 17.36 -22.88
N PHE A 303 18.56 17.34 -24.15
CA PHE A 303 17.20 17.75 -24.54
C PHE A 303 16.94 17.07 -25.87
N THR A 304 16.10 16.04 -25.85
CA THR A 304 15.88 15.17 -27.00
C THR A 304 14.40 14.80 -27.19
N ALA A 305 14.01 14.48 -28.40
CA ALA A 305 12.65 14.06 -28.69
C ALA A 305 12.70 12.58 -28.98
N VAL A 306 11.83 11.79 -28.36
CA VAL A 306 11.85 10.35 -28.60
C VAL A 306 10.44 9.76 -28.64
N THR A 307 10.32 8.50 -29.01
CA THR A 307 9.03 7.81 -29.00
C THR A 307 9.10 6.63 -28.02
N ILE A 308 8.25 6.68 -27.01
CA ILE A 308 8.15 5.71 -25.96
C ILE A 308 6.69 5.24 -25.96
N GLU A 309 6.57 3.93 -26.17
CA GLU A 309 5.28 3.23 -26.25
C GLU A 309 4.40 3.94 -27.23
N GLY A 310 4.93 4.23 -28.42
CA GLY A 310 4.12 4.90 -29.44
C GLY A 310 3.78 6.38 -29.29
N MET A 311 4.15 7.00 -28.17
N MET A 311 4.22 7.00 -28.21
CA MET A 311 3.89 8.44 -27.94
CA MET A 311 3.92 8.41 -27.98
C MET A 311 5.17 9.27 -28.11
C MET A 311 5.16 9.28 -28.11
N ARG A 312 5.10 10.29 -28.98
CA ARG A 312 6.26 11.22 -29.15
C ARG A 312 6.36 12.11 -27.86
N VAL A 313 7.53 12.12 -27.23
CA VAL A 313 7.78 12.99 -26.10
C VAL A 313 9.17 13.66 -26.10
N MET A 314 9.35 14.55 -25.12
CA MET A 314 10.64 15.21 -24.92
C MET A 314 11.26 14.87 -23.55
N LEU A 315 12.56 14.62 -23.55
CA LEU A 315 13.30 14.40 -22.31
C LEU A 315 14.35 15.56 -22.13
N PHE A 316 14.38 16.13 -20.94
CA PHE A 316 15.25 17.24 -20.49
C PHE A 316 15.90 16.97 -19.10
N THR A 317 17.18 17.31 -19.00
CA THR A 317 17.96 17.22 -17.74
C THR A 317 18.63 18.53 -17.35
N HIS A 318 18.63 18.83 -16.06
CA HIS A 318 19.33 20.03 -15.55
C HIS A 318 19.58 19.84 -14.03
N PRO A 319 20.75 20.24 -13.48
CA PRO A 319 21.00 20.14 -12.03
C PRO A 319 20.12 21.13 -11.23
N LEU A 320 19.75 20.80 -9.99
CA LEU A 320 18.97 21.76 -9.18
C LEU A 320 19.87 22.79 -8.51
N ASN A 321 21.14 22.47 -8.33
CA ASN A 321 22.11 23.45 -7.78
C ASN A 321 21.71 24.05 -6.41
N PHE A 322 21.35 23.20 -5.44
CA PHE A 322 21.05 23.63 -4.07
C PHE A 322 22.28 24.29 -3.46
N LYS A 323 23.47 23.78 -3.78
CA LYS A 323 24.74 24.34 -3.23
C LYS A 323 25.19 25.70 -3.78
N GLY A 324 24.86 26.00 -5.05
CA GLY A 324 25.31 27.24 -5.65
C GLY A 324 26.67 27.27 -6.34
N ARG A 325 26.97 28.42 -6.94
CA ARG A 325 28.16 28.67 -7.77
C ARG A 325 28.13 27.61 -8.86
N TRP A 326 29.23 26.91 -9.17
CA TRP A 326 29.15 25.94 -10.28
C TRP A 326 29.11 24.48 -9.83
N LEU A 327 28.85 24.25 -8.54
CA LEU A 327 28.88 22.89 -7.99
C LEU A 327 27.77 22.04 -8.63
N ARG A 328 26.59 22.61 -8.75
CA ARG A 328 25.51 21.99 -9.52
C ARG A 328 25.22 20.55 -9.18
N ASP A 329 24.85 20.35 -7.92
CA ASP A 329 24.38 19.09 -7.40
C ASP A 329 22.99 18.84 -7.84
N ARG A 330 22.61 17.57 -7.72
CA ARG A 330 21.24 17.04 -7.86
C ARG A 330 20.72 17.11 -9.32
N LEU A 331 21.34 16.37 -10.22
CA LEU A 331 20.89 16.23 -11.56
C LEU A 331 19.44 15.65 -11.61
N ASN A 332 18.54 16.38 -12.26
N ASN A 332 18.53 16.39 -12.24
CA ASN A 332 17.14 16.02 -12.38
CA ASN A 332 17.13 15.99 -12.34
C ASN A 332 16.69 15.73 -13.81
C ASN A 332 16.64 15.78 -13.79
N LEU A 333 15.78 14.77 -13.99
CA LEU A 333 15.24 14.42 -15.30
C LEU A 333 13.75 14.81 -15.42
N TRP A 334 13.34 15.25 -16.61
CA TRP A 334 12.01 15.81 -16.81
C TRP A 334 11.36 15.24 -18.08
N LEU A 335 10.02 15.09 -18.06
CA LEU A 335 9.30 14.46 -19.17
C LEU A 335 8.19 15.39 -19.60
N THR A 336 8.10 15.68 -20.90
CA THR A 336 7.02 16.56 -21.34
C THR A 336 6.54 16.20 -22.75
N ASP A 337 5.23 16.39 -22.96
CA ASP A 337 4.64 16.30 -24.29
C ASP A 337 4.31 17.71 -24.87
N ASN A 338 5.06 18.72 -24.46
CA ASN A 338 4.82 20.12 -24.87
C ASN A 338 3.52 20.71 -24.30
N GLN A 339 2.93 20.01 -23.32
CA GLN A 339 1.72 20.46 -22.63
C GLN A 339 1.88 20.32 -21.12
N ARG A 340 1.96 19.05 -20.66
CA ARG A 340 2.22 18.76 -19.27
C ARG A 340 3.73 18.59 -19.07
N ILE A 341 4.24 18.86 -17.86
CA ILE A 341 5.63 18.74 -17.55
C ILE A 341 5.80 18.01 -16.19
N TYR A 342 6.45 16.85 -16.23
CA TYR A 342 6.56 15.93 -15.09
C TYR A 342 8.01 15.69 -14.65
N ASN A 343 8.23 15.86 -13.36
CA ASN A 343 9.52 15.64 -12.75
C ASN A 343 9.73 14.12 -12.52
N VAL A 344 10.52 13.46 -13.35
CA VAL A 344 10.78 12.02 -13.19
C VAL A 344 11.56 11.81 -11.88
N GLY A 345 12.47 12.73 -11.57
CA GLY A 345 13.23 12.66 -10.34
C GLY A 345 14.74 12.82 -10.50
N GLN A 346 15.45 12.61 -9.40
CA GLN A 346 16.90 12.82 -9.34
C GLN A 346 17.68 11.61 -9.89
N VAL A 347 18.52 11.86 -10.92
CA VAL A 347 19.36 10.81 -11.51
C VAL A 347 20.66 10.57 -10.75
N SER A 348 21.27 11.64 -10.26
CA SER A 348 22.53 11.51 -9.55
C SER A 348 22.22 10.93 -8.14
N ILE A 349 23.27 10.73 -7.34
CA ILE A 349 23.14 10.10 -6.02
C ILE A 349 23.55 11.03 -4.91
N GLY A 350 22.63 11.17 -3.93
CA GLY A 350 22.82 12.04 -2.78
C GLY A 350 23.02 13.50 -3.10
N ASP A 351 24.00 14.10 -2.41
CA ASP A 351 24.30 15.50 -2.62
C ASP A 351 25.56 15.66 -3.51
N GLU A 352 25.90 14.63 -4.23
CA GLU A 352 27.07 14.73 -5.11
C GLU A 352 26.86 15.83 -6.15
N ASN A 353 27.97 16.46 -6.49
CA ASN A 353 28.07 17.45 -7.58
C ASN A 353 27.97 16.78 -8.96
N SER A 354 27.00 17.20 -9.79
CA SER A 354 26.76 16.46 -10.98
C SER A 354 26.09 17.35 -12.06
N ALA A 355 26.91 18.07 -12.80
CA ALA A 355 26.38 19.08 -13.68
C ALA A 355 25.92 18.66 -15.06
N TYR A 356 26.86 18.24 -15.90
N TYR A 356 26.87 18.29 -15.92
CA TYR A 356 26.56 18.04 -17.30
CA TYR A 356 26.53 18.03 -17.32
C TYR A 356 26.15 16.59 -17.59
C TYR A 356 26.07 16.59 -17.54
N SER A 357 25.27 16.41 -18.57
CA SER A 357 24.68 15.12 -18.86
C SER A 357 24.19 14.89 -20.30
N SER A 358 24.00 13.61 -20.62
CA SER A 358 23.49 13.16 -21.90
C SER A 358 22.62 11.93 -21.68
N VAL A 359 21.36 12.02 -22.09
CA VAL A 359 20.38 10.91 -21.99
C VAL A 359 20.17 10.21 -23.34
N LEU A 360 20.32 8.87 -23.37
CA LEU A 360 20.06 8.06 -24.58
C LEU A 360 18.96 7.01 -24.39
N TYR A 361 18.04 6.89 -25.35
CA TYR A 361 16.99 5.86 -25.29
C TYR A 361 17.21 4.98 -26.52
N LYS A 362 17.61 3.75 -26.29
CA LYS A 362 17.97 2.84 -27.36
C LYS A 362 17.41 1.44 -27.12
N ASP A 363 16.69 0.95 -28.11
CA ASP A 363 16.08 -0.39 -28.02
C ASP A 363 15.31 -0.51 -26.71
N ASP A 364 14.46 0.45 -26.43
CA ASP A 364 13.60 0.51 -25.25
C ASP A 364 14.29 0.41 -23.90
N LYS A 365 15.52 0.90 -23.81
CA LYS A 365 16.22 1.02 -22.56
C LYS A 365 16.78 2.47 -22.46
N LEU A 366 16.80 3.03 -21.26
CA LEU A 366 17.24 4.41 -21.04
C LEU A 366 18.59 4.48 -20.32
N TYR A 367 19.54 5.27 -20.86
CA TYR A 367 20.86 5.43 -20.26
C TYR A 367 21.18 6.93 -20.05
N CYS A 368 22.04 7.22 -19.09
CA CYS A 368 22.54 8.56 -18.89
C CYS A 368 24.03 8.52 -18.60
N LEU A 369 24.80 9.30 -19.37
CA LEU A 369 26.23 9.51 -19.09
C LEU A 369 26.30 10.92 -18.50
N HIS A 370 26.76 11.04 -17.24
CA HIS A 370 26.84 12.33 -16.55
C HIS A 370 28.11 12.51 -15.69
N GLU A 371 28.38 13.75 -15.31
CA GLU A 371 29.57 14.11 -14.58
C GLU A 371 29.35 13.86 -13.08
N ILE A 372 30.39 13.50 -12.39
CA ILE A 372 30.40 13.63 -10.95
C ILE A 372 31.71 14.37 -10.64
N ASN A 373 31.66 15.34 -9.72
CA ASN A 373 32.74 16.27 -9.40
C ASN A 373 32.97 16.23 -7.89
N SER A 374 34.17 15.79 -7.50
CA SER A 374 34.67 15.86 -6.13
C SER A 374 36.00 16.66 -6.14
N ASN A 375 35.97 17.81 -5.46
CA ASN A 375 37.10 18.72 -5.38
C ASN A 375 37.67 19.20 -6.76
N GLU A 376 36.77 19.50 -7.70
CA GLU A 376 37.20 19.88 -9.06
C GLU A 376 38.02 18.79 -9.79
N VAL A 377 37.65 17.54 -9.56
CA VAL A 377 38.21 16.42 -10.28
C VAL A 377 36.95 15.63 -10.78
N TYR A 378 36.83 15.49 -12.10
CA TYR A 378 35.58 14.98 -12.73
C TYR A 378 35.66 13.61 -13.41
N SER A 379 34.70 12.72 -13.08
CA SER A 379 34.45 11.49 -13.82
C SER A 379 33.11 11.58 -14.56
N LEU A 380 32.96 10.77 -15.61
CA LEU A 380 31.66 10.51 -16.19
C LEU A 380 31.22 9.10 -15.81
N VAL A 381 30.06 9.02 -15.18
CA VAL A 381 29.45 7.72 -14.87
C VAL A 381 28.47 7.41 -15.96
N PHE A 382 28.25 6.12 -16.24
CA PHE A 382 27.33 5.59 -17.26
C PHE A 382 26.26 4.77 -16.49
N ALA A 383 25.05 5.32 -16.45
CA ALA A 383 23.96 4.75 -15.64
C ALA A 383 22.86 4.11 -16.44
N ARG A 384 22.33 3.01 -15.92
CA ARG A 384 21.17 2.37 -16.54
C ARG A 384 19.93 2.80 -15.79
N LEU A 385 19.12 3.63 -16.46
CA LEU A 385 17.94 4.29 -15.80
C LEU A 385 16.69 3.39 -15.83
N VAL A 386 16.75 2.28 -15.09
CA VAL A 386 15.67 1.31 -15.04
C VAL A 386 14.45 1.86 -14.37
N GLY A 387 14.58 2.30 -13.14
CA GLY A 387 13.50 2.90 -12.40
C GLY A 387 12.89 4.10 -13.09
N GLU A 388 13.73 4.93 -13.71
CA GLU A 388 13.23 6.12 -14.40
C GLU A 388 12.33 5.81 -15.61
N LEU A 389 12.66 4.78 -16.38
CA LEU A 389 11.88 4.45 -17.55
C LEU A 389 10.55 3.81 -17.04
N ARG A 390 10.63 3.09 -15.92
CA ARG A 390 9.40 2.50 -15.33
C ARG A 390 8.38 3.63 -14.98
N ILE A 391 8.84 4.70 -14.33
CA ILE A 391 8.00 5.83 -13.94
C ILE A 391 7.52 6.55 -15.19
N ILE A 392 8.44 6.73 -16.14
CA ILE A 392 8.06 7.34 -17.38
C ILE A 392 6.93 6.60 -18.04
N LYS A 393 7.03 5.29 -18.17
CA LYS A 393 5.96 4.56 -18.88
C LYS A 393 4.61 4.67 -18.13
N SER A 394 4.63 4.57 -16.80
CA SER A 394 3.43 4.75 -15.98
C SER A 394 2.74 6.12 -16.21
N VAL A 395 3.48 7.21 -16.10
CA VAL A 395 2.93 8.55 -16.35
C VAL A 395 2.38 8.61 -17.79
N LEU A 396 3.12 8.04 -18.73
CA LEU A 396 2.70 8.15 -20.13
C LEU A 396 1.39 7.39 -20.34
N GLN A 397 1.19 6.31 -19.61
N GLN A 397 1.19 6.29 -19.60
CA GLN A 397 -0.04 5.52 -19.79
CA GLN A 397 -0.04 5.49 -19.75
C GLN A 397 -1.22 6.30 -19.21
C GLN A 397 -1.22 6.32 -19.21
N SER A 398 -0.98 7.01 -18.09
CA SER A 398 -2.01 7.87 -17.47
C SER A 398 -2.44 9.03 -18.40
N TRP A 399 -1.47 9.66 -19.10
CA TRP A 399 -1.78 10.73 -20.08
C TRP A 399 -2.63 10.16 -21.23
N LYS A 400 -2.23 9.01 -21.72
CA LYS A 400 -2.91 8.34 -22.80
C LYS A 400 -4.35 7.95 -22.36
N ASN A 401 -4.48 7.37 -21.16
CA ASN A 401 -5.76 6.99 -20.52
C ASN A 401 -6.75 8.15 -20.46
N TRP A 402 -6.40 9.26 -19.82
CA TRP A 402 -7.34 10.37 -19.70
C TRP A 402 -7.61 11.13 -21.01
N ASP A 403 -6.60 11.26 -21.88
CA ASP A 403 -6.86 11.91 -23.16
C ASP A 403 -7.91 11.08 -23.89
N SER A 404 -7.74 9.74 -23.89
CA SER A 404 -8.69 8.79 -24.52
C SER A 404 -10.08 8.87 -23.93
N HIS A 405 -10.13 8.92 -22.62
CA HIS A 405 -11.36 9.04 -21.90
C HIS A 405 -12.19 10.29 -22.35
N LEU A 406 -11.50 11.41 -22.53
CA LEU A 406 -12.20 12.65 -22.83
C LEU A 406 -12.61 12.65 -24.29
N SER A 407 -11.66 12.35 -25.17
CA SER A 407 -11.90 12.33 -26.60
C SER A 407 -12.99 11.34 -27.00
N SER A 408 -13.20 10.31 -26.18
CA SER A 408 -14.17 9.25 -26.51
C SER A 408 -15.61 9.52 -26.02
N ILE A 409 -15.80 10.63 -25.32
CA ILE A 409 -17.12 10.92 -24.82
C ILE A 409 -18.00 11.29 -26.02
N CYS A 410 -19.20 10.70 -26.07
CA CYS A 410 -20.18 11.03 -27.10
C CYS A 410 -20.89 12.28 -26.54
N THR A 411 -20.56 13.45 -27.06
CA THR A 411 -21.14 14.67 -26.50
C THR A 411 -22.54 14.89 -27.05
N PRO A 412 -23.41 15.47 -26.21
CA PRO A 412 -24.80 15.78 -26.57
C PRO A 412 -24.97 16.46 -27.93
N ALA A 413 -25.85 15.88 -28.74
CA ALA A 413 -26.15 16.40 -30.07
C ALA A 413 -27.37 15.69 -30.65
N GLY A 423 -27.20 11.17 -32.62
CA GLY A 423 -25.77 11.09 -32.91
C GLY A 423 -24.91 11.68 -31.80
N CYS A 424 -23.68 12.03 -32.14
CA CYS A 424 -22.78 12.68 -31.17
C CYS A 424 -22.39 14.11 -31.65
N GLY A 425 -22.28 15.03 -30.70
CA GLY A 425 -21.83 16.40 -31.00
C GLY A 425 -20.30 16.45 -31.13
N PRO A 426 -19.72 17.63 -31.09
CA PRO A 426 -18.26 17.77 -31.19
C PRO A 426 -17.51 17.15 -30.01
N ALA A 427 -16.37 16.55 -30.25
CA ALA A 427 -15.55 15.95 -29.18
C ALA A 427 -15.03 17.00 -28.21
N VAL A 428 -14.98 16.64 -26.93
CA VAL A 428 -14.32 17.45 -25.92
C VAL A 428 -12.85 17.61 -26.32
N THR A 429 -12.30 18.80 -26.17
CA THR A 429 -10.95 19.01 -26.57
C THR A 429 -9.89 18.68 -25.52
N THR A 430 -8.89 17.89 -25.95
CA THR A 430 -7.70 17.67 -25.14
C THR A 430 -6.46 18.47 -25.66
N VAL A 431 -6.60 19.23 -26.74
CA VAL A 431 -5.48 20.01 -27.24
C VAL A 431 -5.10 21.14 -26.31
N GLY A 432 -3.91 21.04 -25.73
CA GLY A 432 -3.44 22.00 -24.75
C GLY A 432 -4.00 21.79 -23.32
N LEU A 433 -4.69 20.67 -23.08
CA LEU A 433 -5.20 20.40 -21.74
C LEU A 433 -3.98 20.00 -20.84
N VAL A 434 -3.71 20.78 -19.79
CA VAL A 434 -2.52 20.57 -18.97
C VAL A 434 -2.71 19.86 -17.62
N GLY A 435 -3.81 20.18 -16.97
CA GLY A 435 -4.11 19.71 -15.61
C GLY A 435 -5.60 19.44 -15.47
N PHE A 436 -6.00 18.62 -14.52
CA PHE A 436 -7.41 18.23 -14.41
C PHE A 436 -7.64 17.67 -12.99
N LEU A 437 -8.38 18.40 -12.15
CA LEU A 437 -8.69 17.93 -10.78
C LEU A 437 -10.11 17.31 -10.79
N SER A 438 -10.23 16.03 -10.48
CA SER A 438 -11.52 15.37 -10.48
C SER A 438 -11.76 14.49 -9.23
N HIS A 439 -12.11 13.23 -9.42
CA HIS A 439 -12.40 12.36 -8.31
C HIS A 439 -11.22 12.08 -7.33
N SER A 440 -10.02 11.79 -7.85
CA SER A 440 -8.93 11.43 -6.94
C SER A 440 -8.50 12.58 -6.01
N ALA A 441 -8.37 12.25 -4.74
CA ALA A 441 -7.96 13.21 -3.76
C ALA A 441 -7.50 12.49 -2.49
N THR A 442 -6.73 13.21 -1.64
CA THR A 442 -6.34 12.74 -0.32
C THR A 442 -6.75 13.77 0.73
N LYS A 443 -6.26 13.64 1.97
CA LYS A 443 -6.76 14.48 3.07
C LYS A 443 -6.49 15.99 2.86
N THR A 444 -5.35 16.29 2.28
CA THR A 444 -4.93 17.68 2.12
C THR A 444 -4.52 18.08 0.69
N GLU A 445 -4.75 17.20 -0.28
CA GLU A 445 -4.40 17.42 -1.71
C GLU A 445 -5.49 16.94 -2.69
N TRP A 446 -5.68 17.74 -3.74
CA TRP A 446 -6.58 17.42 -4.81
C TRP A 446 -5.62 16.99 -5.90
N GLU A 447 -5.69 15.72 -6.32
CA GLU A 447 -4.76 15.16 -7.30
C GLU A 447 -5.02 15.46 -8.81
N ASP A 448 -3.94 15.89 -9.43
CA ASP A 448 -3.85 16.08 -10.88
C ASP A 448 -3.96 14.74 -11.59
N ALA A 449 -4.99 14.59 -12.40
CA ALA A 449 -5.10 13.34 -13.09
C ALA A 449 -3.89 13.19 -14.03
N TYR A 450 -3.22 14.28 -14.41
CA TYR A 450 -2.07 14.13 -15.35
C TYR A 450 -0.76 14.01 -14.59
N ARG A 451 -0.89 13.99 -13.27
CA ARG A 451 0.18 13.68 -12.32
C ARG A 451 1.33 14.64 -12.29
N CYS A 452 1.09 15.89 -12.64
CA CYS A 452 2.20 16.84 -12.63
C CYS A 452 2.14 17.76 -11.44
N VAL A 453 0.99 18.41 -11.23
CA VAL A 453 0.84 19.38 -10.18
C VAL A 453 -0.48 19.28 -9.42
N ASN A 454 -0.39 19.02 -8.13
CA ASN A 454 -1.57 18.88 -7.27
C ASN A 454 -1.92 20.20 -6.62
N ALA A 455 -3.15 20.30 -6.14
CA ALA A 455 -3.57 21.48 -5.41
C ALA A 455 -3.65 21.14 -3.91
N SER A 456 -3.17 22.04 -3.05
CA SER A 456 -3.32 21.85 -1.62
C SER A 456 -4.74 22.32 -1.21
N THR A 457 -5.32 21.63 -0.20
CA THR A 457 -6.66 21.92 0.29
C THR A 457 -6.76 22.14 1.79
N ALA A 458 -7.84 22.83 2.19
CA ALA A 458 -8.26 22.91 3.59
C ALA A 458 -9.81 22.87 3.72
N ASN A 459 -10.31 22.26 4.80
CA ASN A 459 -11.77 22.27 5.05
C ASN A 459 -12.57 21.64 3.90
N ALA A 460 -12.03 20.55 3.37
CA ALA A 460 -12.62 19.91 2.19
C ALA A 460 -13.12 18.49 2.45
N GLU A 461 -14.31 18.20 1.95
CA GLU A 461 -14.98 16.92 2.06
C GLU A 461 -14.97 16.33 0.65
N ARG A 462 -14.56 15.06 0.55
CA ARG A 462 -14.54 14.44 -0.78
C ARG A 462 -15.97 14.16 -1.23
N VAL A 463 -16.31 14.43 -2.48
CA VAL A 463 -17.59 14.06 -3.01
C VAL A 463 -17.28 13.55 -4.44
N PRO A 464 -18.29 13.04 -5.13
CA PRO A 464 -18.02 12.46 -6.43
C PRO A 464 -17.47 13.50 -7.39
N ASN A 465 -16.29 13.18 -7.93
CA ASN A 465 -15.61 14.00 -8.94
C ASN A 465 -15.19 15.39 -8.43
N GLY A 466 -14.97 15.51 -7.13
CA GLY A 466 -14.52 16.79 -6.58
C GLY A 466 -14.57 16.92 -5.08
N LEU A 467 -14.71 18.15 -4.60
CA LEU A 467 -14.60 18.47 -3.20
C LEU A 467 -15.65 19.49 -2.77
N LYS A 468 -16.14 19.37 -1.54
CA LYS A 468 -17.06 20.33 -0.91
C LYS A 468 -16.30 21.05 0.19
N PHE A 469 -16.39 22.40 0.15
CA PHE A 469 -15.62 23.28 0.99
C PHE A 469 -16.56 24.07 1.93
N ALA A 470 -16.02 24.49 3.10
CA ALA A 470 -16.82 25.16 4.15
C ALA A 470 -15.95 25.90 5.17
N GLY A 471 -16.34 27.12 5.54
CA GLY A 471 -15.69 27.81 6.64
C GLY A 471 -14.52 28.71 6.28
N VAL A 472 -14.17 29.57 7.22
CA VAL A 472 -13.01 30.44 7.08
C VAL A 472 -11.72 29.62 6.87
N GLY A 473 -10.99 29.98 5.82
CA GLY A 473 -9.74 29.29 5.47
C GLY A 473 -9.95 28.14 4.50
N GLY A 474 -11.19 27.91 4.09
CA GLY A 474 -11.50 26.79 3.20
C GLY A 474 -11.07 27.10 1.78
N GLY A 475 -10.81 26.05 1.00
CA GLY A 475 -10.51 26.18 -0.42
C GLY A 475 -9.40 25.29 -0.86
N ALA A 476 -9.07 25.39 -2.17
CA ALA A 476 -7.97 24.66 -2.79
C ALA A 476 -6.99 25.67 -3.48
N LEU A 477 -5.69 25.40 -3.39
CA LEU A 477 -4.70 26.31 -4.00
C LEU A 477 -3.85 25.55 -5.02
N TRP A 478 -3.87 26.01 -6.27
CA TRP A 478 -3.14 25.34 -7.35
C TRP A 478 -1.95 26.26 -7.71
N PRO A 479 -0.74 25.92 -7.29
CA PRO A 479 0.33 26.90 -7.33
C PRO A 479 0.82 27.20 -8.72
N VAL A 480 1.18 28.45 -8.99
CA VAL A 480 1.74 28.85 -10.28
C VAL A 480 3.13 29.35 -9.91
N SER A 481 3.38 30.64 -9.71
CA SER A 481 4.72 31.02 -9.22
C SER A 481 5.11 30.27 -7.91
N GLN A 482 4.13 29.90 -7.06
CA GLN A 482 4.49 29.12 -5.84
C GLN A 482 5.13 27.77 -6.10
N GLN A 483 5.20 27.34 -7.36
CA GLN A 483 5.90 26.14 -7.67
C GLN A 483 7.39 26.24 -7.27
N GLY A 484 7.95 27.44 -7.26
CA GLY A 484 9.32 27.64 -6.78
C GLY A 484 10.28 27.66 -7.95
N GLN A 485 11.37 26.92 -7.83
CA GLN A 485 12.46 26.86 -8.83
C GLN A 485 11.97 26.53 -10.21
N ASN A 486 11.12 25.52 -10.31
CA ASN A 486 10.61 25.03 -11.61
C ASN A 486 9.10 25.29 -11.76
N GLN A 487 8.77 26.11 -12.75
CA GLN A 487 7.43 26.69 -12.81
C GLN A 487 6.71 26.20 -14.04
N ARG A 488 5.99 25.09 -13.91
CA ARG A 488 5.40 24.39 -15.05
C ARG A 488 4.21 25.10 -15.67
N TYR A 489 3.64 25.99 -14.89
CA TYR A 489 2.47 26.71 -15.29
C TYR A 489 2.77 28.17 -15.64
N PHE A 490 4.02 28.50 -15.96
CA PHE A 490 4.37 29.87 -16.38
C PHE A 490 3.54 30.35 -17.55
N PHE A 491 3.07 29.46 -18.38
CA PHE A 491 2.31 29.85 -19.59
C PHE A 491 1.06 30.68 -19.27
N ALA A 492 0.49 30.50 -18.07
CA ALA A 492 -0.75 31.17 -17.71
C ALA A 492 -0.61 32.67 -17.63
N ASN A 493 0.62 33.14 -17.51
CA ASN A 493 0.82 34.57 -17.49
C ASN A 493 0.58 35.18 -18.86
N HIS A 494 0.58 34.34 -19.90
CA HIS A 494 0.40 34.75 -21.29
C HIS A 494 -0.99 34.35 -21.86
N ALA A 495 -1.49 33.17 -21.51
CA ALA A 495 -2.85 32.74 -21.90
C ALA A 495 -3.27 31.47 -21.16
N PHE A 496 -4.56 31.42 -20.78
CA PHE A 496 -5.10 30.20 -20.18
C PHE A 496 -6.63 30.19 -20.25
N THR A 497 -7.20 29.02 -19.99
CA THR A 497 -8.62 28.82 -19.75
C THR A 497 -8.69 27.89 -18.52
N LEU A 498 -9.45 28.31 -17.51
CA LEU A 498 -9.74 27.52 -16.32
C LEU A 498 -11.26 27.25 -16.28
N VAL A 499 -11.61 25.98 -16.18
CA VAL A 499 -13.00 25.51 -16.21
C VAL A 499 -13.33 24.74 -14.95
N ALA A 500 -14.55 24.92 -14.46
CA ALA A 500 -15.04 24.12 -13.31
C ALA A 500 -16.58 24.08 -13.21
N SER A 501 -17.12 23.09 -12.48
CA SER A 501 -18.56 23.09 -12.20
C SER A 501 -18.68 23.47 -10.74
N VAL A 502 -19.59 24.36 -10.43
CA VAL A 502 -19.74 24.93 -9.10
C VAL A 502 -21.19 24.94 -8.59
N THR A 503 -21.36 24.56 -7.33
CA THR A 503 -22.66 24.60 -6.66
C THR A 503 -22.52 25.33 -5.30
N ILE A 504 -23.34 26.35 -5.08
CA ILE A 504 -23.31 27.18 -3.88
C ILE A 504 -24.38 26.67 -2.92
N HIS A 505 -24.01 26.39 -1.69
CA HIS A 505 -24.96 25.79 -0.76
C HIS A 505 -25.65 26.75 0.21
N GLU A 506 -25.09 27.95 0.35
CA GLU A 506 -25.56 28.97 1.35
C GLU A 506 -25.31 30.38 0.83
N VAL A 507 -26.23 31.30 1.14
CA VAL A 507 -26.07 32.66 0.71
C VAL A 507 -24.98 33.27 1.60
N PRO A 508 -24.06 34.02 1.01
CA PRO A 508 -22.95 34.55 1.79
C PRO A 508 -23.30 35.88 2.50
N LYS A 509 -22.52 36.33 3.48
CA LYS A 509 -22.83 37.62 4.13
C LYS A 509 -22.37 38.79 3.27
N GLY A 510 -21.45 38.52 2.35
CA GLY A 510 -20.90 39.51 1.43
C GLY A 510 -20.38 38.82 0.16
N ALA A 511 -19.49 39.46 -0.58
CA ALA A 511 -18.95 38.81 -1.77
C ALA A 511 -17.97 37.73 -1.33
N SER A 512 -18.01 36.58 -1.98
CA SER A 512 -17.19 35.43 -1.62
C SER A 512 -16.64 34.82 -2.88
N PRO A 513 -15.44 34.30 -2.80
CA PRO A 513 -14.75 33.70 -3.95
C PRO A 513 -15.20 32.32 -4.36
N LEU A 514 -15.11 32.07 -5.65
CA LEU A 514 -15.43 30.80 -6.22
C LEU A 514 -14.21 30.24 -6.96
N LEU A 515 -13.62 31.07 -7.82
CA LEU A 515 -12.60 30.60 -8.75
C LEU A 515 -11.83 31.80 -9.28
N GLY A 516 -10.52 31.65 -9.40
CA GLY A 516 -9.69 32.74 -9.91
C GLY A 516 -8.19 32.56 -10.01
N ALA A 517 -7.55 33.55 -10.63
CA ALA A 517 -6.10 33.61 -10.72
C ALA A 517 -5.58 34.78 -9.86
N SER A 518 -4.81 34.43 -8.83
CA SER A 518 -4.24 35.41 -7.91
C SER A 518 -2.84 35.96 -8.23
N LEU A 519 -2.69 37.29 -8.14
CA LEU A 519 -1.40 37.95 -8.35
C LEU A 519 -0.56 38.07 -7.05
N ASP A 520 -1.16 37.82 -5.88
CA ASP A 520 -0.35 37.84 -4.64
C ASP A 520 -0.63 36.62 -3.80
N SER A 521 0.09 36.49 -2.68
CA SER A 521 -0.09 35.30 -1.86
C SER A 521 -1.50 35.17 -1.25
N SER A 522 -2.20 36.28 -0.98
CA SER A 522 -3.53 36.18 -0.28
C SER A 522 -4.74 35.98 -1.19
N GLY A 523 -4.65 36.40 -2.44
CA GLY A 523 -5.77 36.36 -3.37
C GLY A 523 -6.48 37.71 -3.36
N GLY A 524 -5.88 38.67 -2.68
CA GLY A 524 -6.40 40.01 -2.61
C GLY A 524 -6.32 40.74 -3.93
N LYS A 525 -5.19 40.62 -4.60
CA LYS A 525 -5.03 41.23 -5.91
C LYS A 525 -5.15 40.11 -6.92
N LYS A 526 -6.14 40.28 -7.76
CA LYS A 526 -6.54 39.25 -8.67
C LYS A 526 -6.29 39.68 -10.09
N LEU A 527 -5.88 38.72 -10.93
CA LEU A 527 -5.75 38.94 -12.35
C LEU A 527 -7.13 38.80 -13.04
N LEU A 528 -7.80 37.68 -12.79
CA LEU A 528 -9.14 37.39 -13.27
C LEU A 528 -9.81 36.38 -12.32
N GLY A 529 -11.10 36.60 -12.08
CA GLY A 529 -11.80 35.74 -11.16
C GLY A 529 -13.29 35.95 -11.12
N LEU A 530 -13.95 35.10 -10.31
CA LEU A 530 -15.40 35.10 -10.12
C LEU A 530 -15.75 34.87 -8.68
N SER A 531 -16.59 35.79 -8.16
CA SER A 531 -17.14 35.74 -6.81
C SER A 531 -18.66 35.74 -6.92
N TYR A 532 -19.37 35.51 -5.80
CA TYR A 532 -20.86 35.54 -5.75
C TYR A 532 -21.28 36.34 -4.51
N ASP A 533 -22.42 37.03 -4.56
CA ASP A 533 -22.79 37.89 -3.42
C ASP A 533 -24.18 37.66 -2.83
N LYS A 534 -24.48 38.42 -1.79
CA LYS A 534 -25.67 38.19 -0.99
C LYS A 534 -26.96 38.48 -1.70
N ARG A 535 -26.87 39.23 -2.80
CA ARG A 535 -28.07 39.60 -3.58
C ARG A 535 -28.35 38.63 -4.72
N HIS A 536 -27.66 37.49 -4.70
CA HIS A 536 -27.82 36.42 -5.68
C HIS A 536 -27.30 36.88 -7.04
N GLN A 537 -26.28 37.74 -7.00
CA GLN A 537 -25.63 38.18 -8.24
C GLN A 537 -24.22 37.60 -8.32
N TRP A 538 -23.70 37.50 -9.52
CA TRP A 538 -22.32 37.09 -9.74
C TRP A 538 -21.47 38.36 -9.69
N GLN A 539 -20.22 38.24 -9.21
CA GLN A 539 -19.27 39.36 -9.24
C GLN A 539 -18.00 38.92 -9.94
N PRO A 540 -17.94 39.13 -11.23
CA PRO A 540 -16.75 38.77 -12.00
C PRO A 540 -15.72 39.86 -11.81
N ILE A 541 -14.47 39.48 -11.63
CA ILE A 541 -13.43 40.44 -11.33
C ILE A 541 -12.44 40.55 -12.47
N TYR A 542 -12.38 41.71 -13.12
CA TYR A 542 -11.39 41.98 -14.18
C TYR A 542 -10.20 42.80 -13.64
N GLY A 543 -9.10 42.13 -13.32
CA GLY A 543 -7.92 42.83 -12.80
C GLY A 543 -8.17 43.74 -11.61
N SER A 544 -7.69 44.98 -11.74
CA SER A 544 -7.93 45.98 -10.70
C SER A 544 -9.15 46.88 -11.02
N THR A 545 -9.87 46.57 -12.11
CA THR A 545 -11.09 47.30 -12.48
C THR A 545 -12.19 47.26 -11.40
N PRO A 546 -13.00 48.30 -11.30
CA PRO A 546 -14.06 48.26 -10.28
C PRO A 546 -15.08 47.18 -10.67
N VAL A 547 -15.65 46.54 -9.66
CA VAL A 547 -16.49 45.40 -9.88
C VAL A 547 -17.95 45.79 -9.96
N THR A 548 -18.60 45.38 -11.05
CA THR A 548 -20.03 45.57 -11.23
C THR A 548 -20.74 44.22 -11.18
N PRO A 549 -21.56 43.99 -10.15
CA PRO A 549 -22.33 42.75 -10.05
C PRO A 549 -23.28 42.61 -11.22
N THR A 550 -23.62 41.37 -11.55
CA THR A 550 -24.47 41.10 -12.69
C THR A 550 -24.99 39.67 -12.72
N GLY A 551 -26.00 39.47 -13.57
CA GLY A 551 -26.62 38.15 -13.74
C GLY A 551 -27.33 37.68 -12.49
N SER A 552 -27.65 36.38 -12.42
CA SER A 552 -28.42 35.82 -11.30
C SER A 552 -28.05 34.35 -11.00
N TRP A 553 -28.02 33.95 -9.74
CA TRP A 553 -27.75 32.57 -9.40
C TRP A 553 -28.69 31.99 -8.31
N GLU A 554 -28.95 30.69 -8.38
CA GLU A 554 -29.80 29.98 -7.42
C GLU A 554 -29.00 28.96 -6.57
N MET A 555 -29.32 28.90 -5.28
CA MET A 555 -28.71 27.89 -4.40
C MET A 555 -28.95 26.49 -4.96
N GLY A 556 -27.99 25.59 -4.82
CA GLY A 556 -28.15 24.22 -5.28
C GLY A 556 -28.01 23.87 -6.77
N LYS A 557 -28.24 24.82 -7.67
CA LYS A 557 -28.08 24.58 -9.11
C LYS A 557 -26.60 24.45 -9.46
N ARG A 558 -26.27 23.49 -10.32
CA ARG A 558 -24.89 23.31 -10.73
C ARG A 558 -24.62 24.22 -11.93
N TYR A 559 -23.63 25.11 -11.78
CA TYR A 559 -23.23 26.06 -12.83
C TYR A 559 -21.90 25.74 -13.52
N HIS A 560 -21.80 26.02 -14.81
CA HIS A 560 -20.53 25.84 -15.56
C HIS A 560 -19.76 27.17 -15.64
N VAL A 561 -18.54 27.19 -15.10
CA VAL A 561 -17.75 28.43 -15.07
C VAL A 561 -16.53 28.34 -15.99
N VAL A 562 -16.31 29.34 -16.82
CA VAL A 562 -15.11 29.37 -17.65
C VAL A 562 -14.44 30.73 -17.57
N LEU A 563 -13.17 30.76 -17.23
CA LEU A 563 -12.36 31.97 -17.21
C LEU A 563 -11.40 31.83 -18.37
N THR A 564 -11.37 32.83 -19.26
CA THR A 564 -10.34 32.88 -20.30
C THR A 564 -9.56 34.20 -20.23
N MET A 565 -8.23 34.09 -20.44
CA MET A 565 -7.30 35.20 -20.57
C MET A 565 -6.37 34.92 -21.75
N ALA A 566 -6.33 35.84 -22.69
CA ALA A 566 -5.35 35.82 -23.79
C ALA A 566 -5.21 37.27 -24.27
N ASN A 567 -4.03 37.58 -24.80
CA ASN A 567 -3.70 38.94 -25.29
C ASN A 567 -4.20 40.02 -24.35
N LYS A 568 -3.93 39.82 -23.05
CA LYS A 568 -4.18 40.79 -21.99
C LYS A 568 -5.64 41.11 -21.67
N ILE A 569 -6.52 40.26 -22.19
CA ILE A 569 -7.94 40.46 -22.10
C ILE A 569 -8.61 39.24 -21.45
N GLY A 570 -9.50 39.52 -20.51
CA GLY A 570 -10.08 38.46 -19.70
C GLY A 570 -11.57 38.35 -19.89
N SER A 571 -12.06 37.11 -19.93
CA SER A 571 -13.47 36.87 -20.05
C SER A 571 -13.99 35.85 -19.02
N VAL A 572 -15.26 35.99 -18.64
CA VAL A 572 -15.92 35.07 -17.69
C VAL A 572 -17.22 34.53 -18.26
N TYR A 573 -17.38 33.22 -18.30
CA TYR A 573 -18.60 32.56 -18.85
C TYR A 573 -19.33 31.75 -17.75
N ILE A 574 -20.67 31.81 -17.79
CA ILE A 574 -21.53 30.97 -16.95
C ILE A 574 -22.45 30.27 -17.91
N ASP A 575 -22.46 28.95 -17.82
CA ASP A 575 -23.30 28.12 -18.63
C ASP A 575 -23.08 28.39 -20.13
N GLY A 576 -21.85 28.67 -20.48
CA GLY A 576 -21.54 28.90 -21.88
C GLY A 576 -21.86 30.28 -22.43
N GLU A 577 -22.23 31.23 -21.56
CA GLU A 577 -22.48 32.57 -22.00
C GLU A 577 -21.65 33.63 -21.24
N PRO A 578 -21.03 34.54 -21.99
CA PRO A 578 -20.20 35.61 -21.41
C PRO A 578 -20.97 36.45 -20.40
N LEU A 579 -20.38 36.71 -19.25
CA LEU A 579 -21.04 37.58 -18.28
C LEU A 579 -21.02 38.99 -18.88
N GLU A 580 -22.16 39.69 -18.81
CA GLU A 580 -22.28 41.03 -19.39
C GLU A 580 -21.10 41.87 -18.92
N GLY A 581 -20.30 42.36 -19.86
CA GLY A 581 -19.09 43.10 -19.52
C GLY A 581 -17.79 42.32 -19.61
N SER A 582 -17.83 41.09 -20.11
CA SER A 582 -16.61 40.33 -20.30
C SER A 582 -15.87 40.91 -21.50
N GLY A 583 -14.61 40.56 -21.64
CA GLY A 583 -13.78 41.09 -22.72
C GLY A 583 -13.05 42.37 -22.38
N GLN A 584 -12.69 42.54 -21.11
CA GLN A 584 -12.00 43.75 -20.64
C GLN A 584 -10.52 43.54 -20.36
N THR A 585 -9.72 44.58 -20.53
CA THR A 585 -8.29 44.51 -20.29
C THR A 585 -7.95 44.12 -18.86
N VAL A 586 -7.06 43.16 -18.67
CA VAL A 586 -6.75 42.74 -17.32
C VAL A 586 -5.28 42.99 -17.02
N VAL A 587 -4.48 43.31 -18.03
CA VAL A 587 -3.11 43.68 -17.76
C VAL A 587 -2.61 44.88 -18.58
N PRO A 588 -2.18 45.93 -17.90
CA PRO A 588 -1.46 47.06 -18.51
C PRO A 588 -0.40 46.61 -19.52
N ASP A 589 -0.27 47.29 -20.66
CA ASP A 589 0.54 46.72 -21.74
C ASP A 589 2.08 46.91 -21.63
N GLU A 590 2.77 45.79 -21.86
CA GLU A 590 4.24 45.65 -21.80
C GLU A 590 4.58 45.08 -20.44
N ARG A 591 3.63 45.24 -19.53
CA ARG A 591 3.78 44.74 -18.19
C ARG A 591 3.26 43.30 -18.24
N THR A 592 4.11 42.34 -17.89
CA THR A 592 3.77 40.92 -17.85
C THR A 592 3.41 40.43 -16.45
N PRO A 593 2.30 39.72 -16.32
CA PRO A 593 1.86 39.22 -15.00
C PRO A 593 2.76 38.13 -14.39
N ASP A 594 2.69 38.01 -13.06
CA ASP A 594 3.37 36.94 -12.31
C ASP A 594 2.37 36.30 -11.37
N ILE A 595 1.47 35.48 -11.91
CA ILE A 595 0.46 34.79 -11.10
C ILE A 595 1.05 33.91 -9.99
N SER A 596 0.62 34.11 -8.73
CA SER A 596 1.03 33.26 -7.58
C SER A 596 0.41 31.84 -7.59
N HIS A 597 -0.88 31.78 -7.89
CA HIS A 597 -1.65 30.53 -7.79
C HIS A 597 -3.05 30.73 -8.37
N PHE A 598 -3.78 29.64 -8.63
CA PHE A 598 -5.19 29.67 -8.95
C PHE A 598 -5.90 29.29 -7.64
N TYR A 599 -7.01 29.95 -7.28
CA TYR A 599 -7.72 29.56 -6.05
C TYR A 599 -9.07 28.94 -6.49
N VAL A 600 -9.54 27.95 -5.76
CA VAL A 600 -10.74 27.20 -6.15
C VAL A 600 -11.53 26.87 -4.91
N GLY A 601 -12.75 27.38 -4.87
CA GLY A 601 -13.70 27.06 -3.82
C GLY A 601 -13.53 27.85 -2.53
N GLY A 602 -12.64 28.82 -2.56
CA GLY A 602 -12.31 29.63 -1.43
C GLY A 602 -10.90 30.16 -1.74
N TYR A 603 -10.31 30.80 -0.75
CA TYR A 603 -8.97 31.35 -0.89
C TYR A 603 -7.96 30.40 -0.28
N LYS A 604 -8.45 29.50 0.55
CA LYS A 604 -7.55 28.67 1.36
C LYS A 604 -6.62 29.57 2.17
N ARG A 605 -7.18 30.64 2.72
CA ARG A 605 -6.42 31.58 3.56
C ARG A 605 -7.22 31.95 4.79
N SER A 606 -6.73 31.50 5.96
CA SER A 606 -7.38 31.77 7.23
C SER A 606 -7.44 33.28 7.51
N GLY A 607 -6.54 34.03 6.90
CA GLY A 607 -6.48 35.47 7.08
C GLY A 607 -7.56 36.20 6.32
N MET A 608 -8.13 35.51 5.32
CA MET A 608 -9.19 36.09 4.52
C MET A 608 -10.52 35.73 5.17
N PRO A 609 -11.33 36.74 5.50
CA PRO A 609 -12.52 36.56 6.35
C PRO A 609 -13.70 35.80 5.75
N THR A 610 -13.67 35.62 4.43
CA THR A 610 -14.78 35.00 3.70
C THR A 610 -15.01 33.56 4.03
N ASP A 611 -16.26 33.13 3.84
CA ASP A 611 -16.66 31.74 4.07
C ASP A 611 -17.45 31.20 2.86
N SER A 612 -16.74 30.55 1.94
CA SER A 612 -17.33 29.98 0.74
C SER A 612 -17.79 28.57 1.00
N ARG A 613 -19.10 28.37 0.87
CA ARG A 613 -19.72 27.06 1.12
C ARG A 613 -20.14 26.56 -0.23
N VAL A 614 -19.32 25.71 -0.82
CA VAL A 614 -19.54 25.36 -2.21
C VAL A 614 -18.95 24.03 -2.61
N THR A 615 -19.53 23.44 -3.63
CA THR A 615 -18.97 22.20 -4.18
C THR A 615 -18.30 22.49 -5.52
N VAL A 616 -17.08 22.01 -5.69
CA VAL A 616 -16.42 22.17 -6.98
C VAL A 616 -16.02 20.81 -7.56
N ASN A 617 -16.37 20.58 -8.82
CA ASN A 617 -16.07 19.34 -9.53
C ASN A 617 -15.34 19.63 -10.83
N ASN A 618 -14.53 18.68 -11.30
CA ASN A 618 -13.99 18.68 -12.66
C ASN A 618 -13.31 20.00 -13.16
N VAL A 619 -12.26 20.42 -12.49
CA VAL A 619 -11.46 21.61 -12.85
C VAL A 619 -10.47 21.24 -13.97
N LEU A 620 -10.56 21.94 -15.09
CA LEU A 620 -9.67 21.74 -16.22
C LEU A 620 -8.79 23.03 -16.43
N LEU A 621 -7.50 22.85 -16.71
CA LEU A 621 -6.56 23.94 -17.03
C LEU A 621 -5.89 23.72 -18.39
N TYR A 622 -6.19 24.65 -19.31
CA TYR A 622 -5.64 24.70 -20.68
C TYR A 622 -4.65 25.88 -20.84
N ASN A 623 -3.65 25.68 -21.71
CA ASN A 623 -2.59 26.68 -21.97
C ASN A 623 -2.88 27.57 -23.20
N ARG A 624 -4.16 27.73 -23.54
CA ARG A 624 -4.65 28.60 -24.62
C ARG A 624 -6.09 29.08 -24.33
N GLN A 625 -6.56 30.08 -25.07
CA GLN A 625 -7.95 30.50 -24.92
C GLN A 625 -8.86 29.61 -25.79
N LEU A 626 -9.73 28.81 -25.15
CA LEU A 626 -10.63 27.95 -25.93
C LEU A 626 -11.59 28.78 -26.82
N ASN A 627 -12.04 28.25 -27.95
CA ASN A 627 -13.00 28.96 -28.79
C ASN A 627 -14.47 28.68 -28.32
N ALA A 628 -15.44 29.33 -28.96
CA ALA A 628 -16.86 29.22 -28.56
C ALA A 628 -17.41 27.81 -28.58
N GLU A 629 -17.07 27.05 -29.62
CA GLU A 629 -17.58 25.68 -29.74
C GLU A 629 -16.94 24.75 -28.66
N GLU A 630 -15.68 25.02 -28.31
CA GLU A 630 -14.99 24.17 -27.33
C GLU A 630 -15.65 24.43 -25.96
N ILE A 631 -15.93 25.69 -25.69
CA ILE A 631 -16.60 26.08 -24.46
C ILE A 631 -18.01 25.49 -24.31
N ARG A 632 -18.76 25.51 -25.41
CA ARG A 632 -20.14 25.01 -25.40
C ARG A 632 -20.19 23.51 -25.19
N THR A 633 -19.25 22.83 -25.82
CA THR A 633 -19.11 21.39 -25.69
C THR A 633 -18.82 21.00 -24.21
N LEU A 634 -17.93 21.72 -23.58
CA LEU A 634 -17.62 21.49 -22.16
C LEU A 634 -18.85 21.78 -21.32
N PHE A 635 -19.59 22.82 -21.70
CA PHE A 635 -20.79 23.12 -20.96
C PHE A 635 -21.78 21.93 -21.07
N LEU A 636 -22.00 21.46 -22.29
CA LEU A 636 -22.98 20.40 -22.56
C LEU A 636 -22.56 19.02 -22.03
N SER A 637 -21.28 18.80 -21.77
CA SER A 637 -20.86 17.51 -21.30
C SER A 637 -20.44 17.44 -19.84
N GLN A 638 -20.86 18.41 -19.02
CA GLN A 638 -20.43 18.46 -17.59
C GLN A 638 -20.56 17.20 -16.79
N ASP A 639 -21.59 16.40 -17.07
CA ASP A 639 -21.89 15.23 -16.26
C ASP A 639 -21.26 13.99 -16.83
N LEU A 640 -20.52 14.15 -17.91
CA LEU A 640 -19.88 13.04 -18.54
C LEU A 640 -18.39 12.96 -18.29
N ILE A 641 -17.75 14.03 -17.82
CA ILE A 641 -16.30 14.07 -17.86
C ILE A 641 -15.58 13.55 -16.59
N GLY A 642 -16.28 13.32 -15.50
CA GLY A 642 -15.64 12.89 -14.26
C GLY A 642 -14.80 11.61 -14.37
N THR A 643 -13.83 11.47 -13.50
CA THR A 643 -12.95 10.32 -13.56
C THR A 643 -13.44 9.17 -12.68
N GLU A 644 -14.46 9.44 -11.86
CA GLU A 644 -14.99 8.50 -10.86
C GLU A 644 -15.24 7.05 -11.27
N ALA A 645 -15.66 6.84 -12.51
CA ALA A 645 -16.08 5.51 -13.02
C ALA A 645 -15.12 4.81 -13.96
N HIS A 646 -14.04 5.48 -14.34
CA HIS A 646 -13.07 4.91 -15.27
C HIS A 646 -11.76 4.70 -14.54
N MET A 647 -11.94 4.39 -13.26
CA MET A 647 -10.87 4.23 -12.29
C MET A 647 -10.92 2.83 -11.67
N ALA B 16 -24.58 -14.95 4.69
CA ALA B 16 -25.29 -16.14 5.20
C ALA B 16 -26.75 -16.09 4.75
N PRO B 17 -27.11 -16.88 3.75
CA PRO B 17 -28.48 -16.81 3.23
C PRO B 17 -29.55 -17.15 4.25
N GLY B 18 -30.60 -16.34 4.23
CA GLY B 18 -31.72 -16.54 5.12
C GLY B 18 -31.57 -15.73 6.40
N SER B 19 -30.34 -15.35 6.76
CA SER B 19 -30.06 -14.46 7.92
C SER B 19 -30.47 -12.99 7.67
N SER B 20 -30.84 -12.27 8.72
CA SER B 20 -31.22 -10.84 8.66
C SER B 20 -30.84 -10.13 9.98
N ARG B 21 -30.87 -8.81 9.99
CA ARG B 21 -30.60 -8.10 11.26
C ARG B 21 -31.35 -6.78 11.34
N VAL B 22 -31.47 -6.26 12.57
CA VAL B 22 -31.94 -4.88 12.81
C VAL B 22 -30.90 -4.09 13.61
N GLU B 23 -30.84 -2.76 13.42
CA GLU B 23 -29.99 -1.90 14.25
C GLU B 23 -30.79 -1.65 15.53
N LEU B 24 -30.53 -2.42 16.60
CA LEU B 24 -31.33 -2.32 17.82
C LEU B 24 -30.94 -1.18 18.76
N PHE B 25 -29.64 -1.09 19.11
CA PHE B 25 -29.16 0.04 19.86
C PHE B 25 -28.54 1.01 18.82
N LYS B 26 -29.30 2.00 18.38
CA LYS B 26 -28.82 2.84 17.27
C LYS B 26 -28.06 4.06 17.78
N ARG B 27 -26.79 4.15 17.37
CA ARG B 27 -25.86 5.22 17.79
C ARG B 27 -26.45 6.60 17.49
N GLN B 28 -26.38 7.54 18.43
CA GLN B 28 -26.86 8.91 18.15
C GLN B 28 -28.37 9.03 17.84
N SER B 29 -29.16 8.03 18.21
CA SER B 29 -30.62 8.07 17.90
C SER B 29 -31.41 7.47 19.05
N SER B 30 -31.01 6.28 19.50
CA SER B 30 -31.76 5.60 20.60
C SER B 30 -31.65 6.37 21.91
N LYS B 31 -32.74 6.42 22.66
CA LYS B 31 -32.78 7.10 23.96
C LYS B 31 -32.94 6.13 25.12
N VAL B 32 -32.36 6.46 26.27
CA VAL B 32 -32.54 5.69 27.53
C VAL B 32 -33.02 6.61 28.66
N PRO B 33 -33.68 6.06 29.69
CA PRO B 33 -34.15 6.87 30.86
C PRO B 33 -33.03 7.32 31.80
N PHE B 34 -32.44 8.48 31.52
CA PHE B 34 -31.31 9.02 32.30
C PHE B 34 -31.82 9.74 33.54
N GLU B 35 -31.43 9.26 34.70
CA GLU B 35 -31.94 9.78 35.98
C GLU B 35 -30.80 10.48 36.68
N LYS B 36 -31.09 11.71 37.11
CA LYS B 36 -30.19 12.53 37.93
C LYS B 36 -30.97 13.38 38.94
N ASP B 37 -30.53 13.30 40.19
CA ASP B 37 -31.11 13.99 41.34
C ASP B 37 -32.64 13.91 41.36
N GLY B 38 -33.15 12.70 41.24
CA GLY B 38 -34.59 12.48 41.21
C GLY B 38 -35.33 12.92 39.96
N LYS B 39 -34.63 13.30 38.91
CA LYS B 39 -35.30 13.67 37.68
C LYS B 39 -34.89 12.72 36.54
N VAL B 40 -35.84 12.23 35.76
CA VAL B 40 -35.55 11.33 34.66
C VAL B 40 -35.94 11.98 33.35
N THR B 41 -35.01 11.91 32.41
CA THR B 41 -35.22 12.48 31.11
C THR B 41 -34.73 11.51 30.03
N GLU B 42 -35.53 11.35 28.99
CA GLU B 42 -35.14 10.51 27.87
C GLU B 42 -33.94 11.14 27.14
N ARG B 43 -32.77 10.47 27.20
CA ARG B 43 -31.51 11.00 26.69
C ARG B 43 -30.85 10.19 25.58
N VAL B 44 -30.45 10.86 24.52
CA VAL B 44 -29.85 10.19 23.39
C VAL B 44 -28.44 9.71 23.78
N VAL B 45 -28.05 8.56 23.23
CA VAL B 45 -26.74 7.95 23.46
C VAL B 45 -25.83 7.96 22.22
N HIS B 46 -24.63 8.52 22.38
CA HIS B 46 -23.63 8.53 21.30
C HIS B 46 -23.29 7.13 20.84
N SER B 47 -22.80 6.30 21.77
CA SER B 47 -22.36 4.90 21.44
C SER B 47 -22.82 3.81 22.41
N PHE B 48 -23.04 2.62 21.84
CA PHE B 48 -23.35 1.40 22.61
C PHE B 48 -22.24 0.34 22.36
N ARG B 49 -21.58 -0.10 23.43
CA ARG B 49 -20.57 -1.15 23.33
C ARG B 49 -20.80 -2.28 24.33
N LEU B 50 -20.00 -3.34 24.23
CA LEU B 50 -19.97 -4.45 25.19
C LEU B 50 -21.31 -5.26 25.34
N PRO B 51 -21.80 -5.82 24.22
CA PRO B 51 -23.08 -6.55 24.23
C PRO B 51 -23.04 -7.84 25.06
N ALA B 52 -24.16 -8.12 25.72
CA ALA B 52 -24.35 -9.37 26.44
C ALA B 52 -25.82 -9.72 26.20
N LEU B 53 -26.08 -10.88 25.60
CA LEU B 53 -27.42 -11.33 25.24
C LEU B 53 -27.79 -12.63 25.89
N VAL B 54 -28.87 -12.63 26.69
CA VAL B 54 -29.25 -13.80 27.47
C VAL B 54 -30.71 -14.11 27.49
N ASN B 55 -31.04 -15.33 27.91
CA ASN B 55 -32.44 -15.76 28.08
C ASN B 55 -32.75 -15.97 29.55
N VAL B 56 -33.69 -15.20 30.08
CA VAL B 56 -34.22 -15.47 31.42
C VAL B 56 -35.69 -15.95 31.35
N ASP B 57 -35.93 -17.24 31.49
CA ASP B 57 -37.33 -17.73 31.63
C ASP B 57 -38.20 -17.34 30.39
N GLY B 58 -37.63 -17.41 29.19
CA GLY B 58 -38.38 -17.03 27.98
C GLY B 58 -38.30 -15.56 27.62
N VAL B 59 -37.75 -14.73 28.51
CA VAL B 59 -37.56 -13.33 28.21
C VAL B 59 -36.15 -13.04 27.69
N MET B 60 -36.03 -12.46 26.48
CA MET B 60 -34.69 -12.05 25.96
C MET B 60 -34.22 -10.77 26.61
N VAL B 61 -32.99 -10.77 27.05
CA VAL B 61 -32.42 -9.55 27.68
C VAL B 61 -31.11 -9.16 27.04
N ALA B 62 -31.03 -7.92 26.57
CA ALA B 62 -29.80 -7.37 25.99
C ALA B 62 -29.24 -6.26 26.87
N ILE B 63 -28.01 -6.46 27.37
CA ILE B 63 -27.36 -5.56 28.27
C ILE B 63 -26.10 -5.03 27.63
N ALA B 64 -25.71 -3.81 27.98
CA ALA B 64 -24.62 -3.14 27.29
C ALA B 64 -24.21 -1.86 27.98
N ASP B 65 -23.04 -1.33 27.60
CA ASP B 65 -22.57 0.03 27.93
C ASP B 65 -23.37 1.10 27.15
N ALA B 66 -23.94 2.09 27.86
CA ALA B 66 -24.53 3.27 27.19
C ALA B 66 -23.54 4.45 27.39
N ARG B 67 -22.68 4.71 26.39
CA ARG B 67 -21.69 5.80 26.44
C ARG B 67 -22.31 7.11 25.91
N TYR B 68 -22.84 7.94 26.81
CA TYR B 68 -23.65 9.09 26.43
C TYR B 68 -23.05 10.11 25.46
N GLU B 69 -21.80 10.47 25.64
CA GLU B 69 -21.26 11.59 24.92
C GLU B 69 -20.15 11.29 23.94
N THR B 70 -19.50 10.12 24.02
CA THR B 70 -18.40 9.77 23.19
C THR B 70 -18.16 8.29 23.41
N SER B 71 -17.52 7.64 22.45
CA SER B 71 -17.18 6.24 22.59
C SER B 71 -15.89 6.04 23.38
N PHE B 72 -15.20 7.12 23.76
CA PHE B 72 -13.94 6.99 24.54
C PHE B 72 -14.15 6.22 25.89
N ASP B 73 -13.23 5.31 26.23
CA ASP B 73 -13.45 4.43 27.40
C ASP B 73 -13.67 5.16 28.70
N ASN B 74 -13.07 6.33 28.86
CA ASN B 74 -13.08 7.02 30.15
C ASN B 74 -14.03 8.23 30.09
N SER B 75 -15.33 7.94 30.01
CA SER B 75 -16.38 8.92 29.85
C SER B 75 -17.61 8.55 30.60
N LEU B 76 -18.68 9.33 30.44
CA LEU B 76 -19.91 9.06 31.16
C LEU B 76 -20.62 7.80 30.58
N ILE B 77 -20.76 6.79 31.45
CA ILE B 77 -21.38 5.50 31.04
C ILE B 77 -22.35 4.92 32.08
N ASP B 78 -23.53 4.51 31.62
CA ASP B 78 -24.46 3.75 32.47
C ASP B 78 -24.62 2.36 31.80
N THR B 79 -25.10 1.41 32.54
CA THR B 79 -25.43 0.11 32.01
C THR B 79 -26.90 0.08 31.53
N VAL B 80 -27.09 -0.16 30.23
CA VAL B 80 -28.45 -0.25 29.64
C VAL B 80 -28.96 -1.68 29.50
N ALA B 81 -30.29 -1.86 29.61
CA ALA B 81 -30.91 -3.15 29.37
C ALA B 81 -32.16 -3.00 28.53
N LYS B 82 -32.26 -3.79 27.47
CA LYS B 82 -33.48 -3.91 26.66
C LYS B 82 -33.98 -5.34 26.85
N TYR B 83 -35.30 -5.51 27.00
CA TYR B 83 -35.87 -6.83 27.13
C TYR B 83 -37.08 -7.04 26.25
N SER B 84 -37.29 -8.27 25.84
CA SER B 84 -38.33 -8.63 24.86
C SER B 84 -38.94 -9.97 25.18
N VAL B 85 -40.28 -10.03 25.07
CA VAL B 85 -40.98 -11.30 25.26
C VAL B 85 -41.38 -11.99 23.95
N ASP B 86 -41.08 -11.35 22.82
CA ASP B 86 -41.39 -11.88 21.50
C ASP B 86 -40.21 -12.20 20.59
N ASP B 87 -39.14 -12.74 21.13
CA ASP B 87 -37.92 -13.10 20.41
C ASP B 87 -37.28 -11.94 19.61
N GLY B 88 -37.42 -10.73 20.10
CA GLY B 88 -36.63 -9.66 19.50
C GLY B 88 -37.31 -8.78 18.50
N GLU B 89 -38.60 -8.98 18.31
CA GLU B 89 -39.37 -8.16 17.41
C GLU B 89 -39.68 -6.81 18.08
N THR B 90 -39.93 -6.80 19.40
CA THR B 90 -40.17 -5.55 20.11
C THR B 90 -39.53 -5.61 21.50
N TRP B 91 -39.05 -4.44 21.95
CA TRP B 91 -38.27 -4.31 23.16
C TRP B 91 -38.69 -3.10 23.98
N GLU B 92 -38.60 -3.27 25.30
CA GLU B 92 -38.68 -2.20 26.27
C GLU B 92 -37.22 -1.81 26.73
N THR B 93 -37.02 -0.58 27.16
CA THR B 93 -35.70 -0.09 27.47
C THR B 93 -35.54 0.47 28.88
N GLN B 94 -34.45 0.17 29.53
CA GLN B 94 -34.25 0.78 30.86
C GLN B 94 -32.76 0.94 31.19
N ILE B 95 -32.43 1.67 32.27
CA ILE B 95 -31.09 1.70 32.74
C ILE B 95 -31.03 0.73 33.88
N ALA B 96 -30.12 -0.25 33.82
CA ALA B 96 -30.00 -1.26 34.85
C ALA B 96 -29.14 -0.81 36.01
N ILE B 97 -28.06 -0.09 35.68
CA ILE B 97 -27.13 0.40 36.71
C ILE B 97 -26.66 1.78 36.32
N LYS B 98 -26.79 2.72 37.26
CA LYS B 98 -26.33 4.06 37.03
C LYS B 98 -24.95 4.29 37.64
N ASN B 99 -24.11 5.10 36.97
CA ASN B 99 -22.86 5.48 37.60
C ASN B 99 -23.08 6.51 38.75
N SER B 100 -22.00 6.88 39.43
CA SER B 100 -22.07 7.75 40.63
C SER B 100 -22.46 9.20 40.40
N ARG B 101 -22.41 9.61 39.15
CA ARG B 101 -22.63 10.98 38.74
C ARG B 101 -21.65 11.96 39.41
N ALA B 102 -20.49 11.46 39.80
CA ALA B 102 -19.52 12.34 40.48
C ALA B 102 -18.90 13.31 39.50
N SER B 103 -18.78 12.93 38.24
CA SER B 103 -18.14 13.81 37.29
C SER B 103 -18.65 13.57 35.90
N SER B 104 -18.07 14.28 34.93
CA SER B 104 -18.38 14.09 33.52
C SER B 104 -17.82 12.78 32.97
N VAL B 105 -16.98 12.08 33.74
CA VAL B 105 -16.40 10.78 33.29
C VAL B 105 -16.78 9.60 34.25
N SER B 106 -17.76 9.84 35.12
CA SER B 106 -18.24 8.82 36.04
C SER B 106 -18.77 7.63 35.21
N ARG B 107 -18.34 6.43 35.56
CA ARG B 107 -18.75 5.25 34.75
C ARG B 107 -18.91 3.89 35.46
N VAL B 108 -19.93 3.15 35.06
CA VAL B 108 -20.01 1.71 35.43
C VAL B 108 -19.62 0.98 34.14
N VAL B 109 -18.65 0.07 34.24
CA VAL B 109 -18.03 -0.51 33.05
C VAL B 109 -17.88 -2.05 33.02
N ASP B 110 -17.68 -2.57 31.80
CA ASP B 110 -17.49 -4.01 31.52
C ASP B 110 -18.56 -4.88 32.19
N PRO B 111 -19.82 -4.56 31.92
CA PRO B 111 -20.94 -5.32 32.51
C PRO B 111 -20.84 -6.81 32.15
N THR B 112 -20.80 -7.66 33.19
CA THR B 112 -20.71 -9.12 33.05
C THR B 112 -21.94 -9.72 33.75
N VAL B 113 -22.67 -10.48 32.95
CA VAL B 113 -23.94 -11.04 33.28
C VAL B 113 -24.00 -12.56 33.54
N ILE B 114 -24.69 -12.90 34.62
CA ILE B 114 -25.06 -14.30 34.90
C ILE B 114 -26.52 -14.46 35.10
N VAL B 115 -27.10 -15.47 34.47
CA VAL B 115 -28.52 -15.79 34.73
C VAL B 115 -28.70 -16.99 35.66
N LYS B 116 -29.49 -16.87 36.71
CA LYS B 116 -29.88 -18.00 37.57
C LYS B 116 -31.32 -17.85 37.98
N GLY B 117 -32.15 -18.78 37.53
CA GLY B 117 -33.59 -18.67 37.68
C GLY B 117 -34.19 -17.45 37.02
N ASN B 118 -34.96 -16.67 37.77
CA ASN B 118 -35.44 -15.43 37.20
C ASN B 118 -34.52 -14.26 37.60
N LYS B 119 -33.32 -14.52 38.09
CA LYS B 119 -32.42 -13.38 38.42
C LYS B 119 -31.26 -13.11 37.40
N LEU B 120 -31.01 -11.82 37.17
CA LEU B 120 -29.88 -11.39 36.34
C LEU B 120 -28.89 -10.80 37.35
N TYR B 121 -27.68 -11.36 37.41
CA TYR B 121 -26.60 -10.84 38.25
C TYR B 121 -25.68 -10.08 37.30
N VAL B 122 -25.50 -8.76 37.55
CA VAL B 122 -24.63 -7.93 36.71
C VAL B 122 -23.51 -7.27 37.51
N LEU B 123 -22.28 -7.63 37.15
CA LEU B 123 -21.06 -7.21 37.83
C LEU B 123 -20.42 -6.12 37.01
N VAL B 124 -20.19 -4.96 37.64
CA VAL B 124 -19.50 -3.86 36.94
C VAL B 124 -18.46 -3.19 37.77
N GLY B 125 -17.39 -2.72 37.12
CA GLY B 125 -16.39 -1.84 37.74
C GLY B 125 -17.06 -0.44 37.85
N SER B 126 -16.70 0.35 38.85
CA SER B 126 -17.25 1.71 38.99
C SER B 126 -16.14 2.74 39.17
N TYR B 127 -16.06 3.77 38.31
CA TYR B 127 -15.03 4.80 38.45
C TYR B 127 -15.62 6.21 38.59
N ASN B 128 -14.96 7.04 39.37
CA ASN B 128 -15.53 8.41 39.61
C ASN B 128 -15.09 9.58 38.74
N SER B 129 -13.78 9.73 38.55
N SER B 129 -13.78 9.73 38.55
CA SER B 129 -13.20 10.93 37.97
CA SER B 129 -13.20 10.93 37.93
C SER B 129 -11.95 10.73 37.07
C SER B 129 -11.95 10.74 37.08
N SER B 130 -11.33 9.54 37.12
CA SER B 130 -10.08 9.29 36.36
C SER B 130 -10.16 9.42 34.82
N ARG B 131 -9.11 9.97 34.22
CA ARG B 131 -9.10 10.11 32.76
C ARG B 131 -8.21 9.09 31.99
N SER B 132 -7.64 8.13 32.71
CA SER B 132 -6.79 7.09 32.10
C SER B 132 -7.43 5.72 32.25
N TYR B 133 -7.01 4.79 31.36
CA TYR B 133 -7.50 3.41 31.41
C TYR B 133 -7.09 2.70 32.77
N TRP B 134 -8.01 1.94 33.34
CA TRP B 134 -7.77 1.25 34.64
C TRP B 134 -6.43 0.53 34.80
N THR B 135 -5.91 -0.10 33.73
CA THR B 135 -4.63 -0.80 33.88
C THR B 135 -3.39 0.04 34.09
N SER B 136 -3.48 1.33 33.83
N SER B 136 -3.47 1.33 33.81
CA SER B 136 -2.34 2.23 34.06
CA SER B 136 -2.33 2.23 34.03
C SER B 136 -2.33 2.78 35.49
C SER B 136 -2.33 2.80 35.48
N HIS B 137 -3.42 2.57 36.22
CA HIS B 137 -3.53 3.11 37.58
C HIS B 137 -2.49 2.55 38.60
N GLY B 138 -1.83 3.42 39.38
CA GLY B 138 -0.92 3.00 40.44
C GLY B 138 -1.61 2.74 41.77
N ASP B 139 -2.86 3.13 41.90
CA ASP B 139 -3.60 2.82 43.12
C ASP B 139 -5.09 2.61 42.79
N ALA B 140 -5.87 2.37 43.84
CA ALA B 140 -7.30 2.05 43.79
C ALA B 140 -8.24 3.11 44.34
N ARG B 141 -7.83 4.37 44.39
CA ARG B 141 -8.68 5.40 44.94
C ARG B 141 -9.85 5.81 44.08
N ASP B 142 -9.83 5.55 42.76
CA ASP B 142 -11.00 5.89 41.90
C ASP B 142 -11.95 4.70 41.63
N TRP B 143 -11.64 3.53 42.20
CA TRP B 143 -12.34 2.25 41.89
C TRP B 143 -13.22 1.56 42.96
N ASP B 144 -14.29 0.95 42.46
CA ASP B 144 -15.09 0.04 43.25
C ASP B 144 -15.59 -1.03 42.27
N ILE B 145 -16.17 -2.06 42.83
CA ILE B 145 -16.60 -3.21 42.10
C ILE B 145 -18.00 -3.55 42.63
N LEU B 146 -18.96 -3.50 41.73
CA LEU B 146 -20.36 -3.59 42.18
C LEU B 146 -21.16 -4.69 41.55
N LEU B 147 -22.12 -5.20 42.31
CA LEU B 147 -23.04 -6.20 41.81
C LEU B 147 -24.47 -5.71 41.96
N ALA B 148 -25.22 -5.85 40.89
CA ALA B 148 -26.64 -5.51 40.88
C ALA B 148 -27.44 -6.72 40.43
N VAL B 149 -28.65 -6.92 40.98
CA VAL B 149 -29.51 -8.06 40.66
C VAL B 149 -30.79 -7.56 40.10
N GLY B 150 -31.17 -8.12 38.96
CA GLY B 150 -32.39 -7.76 38.24
C GLY B 150 -33.36 -8.91 38.42
N GLU B 151 -34.53 -8.65 38.99
CA GLU B 151 -35.50 -9.67 39.17
C GLU B 151 -36.55 -9.59 38.04
N VAL B 152 -36.63 -10.66 37.26
CA VAL B 152 -37.55 -10.72 36.11
C VAL B 152 -38.88 -11.44 36.47
N THR B 153 -40.04 -10.79 36.30
CA THR B 153 -41.35 -11.48 36.41
C THR B 153 -42.19 -11.32 35.12
N LYS B 154 -43.11 -12.26 34.91
CA LYS B 154 -44.01 -12.21 33.76
C LYS B 154 -45.45 -12.28 34.20
N SER B 155 -46.34 -11.62 33.46
CA SER B 155 -47.80 -11.73 33.73
C SER B 155 -48.55 -12.10 32.45
N THR B 156 -49.66 -12.81 32.65
CA THR B 156 -50.52 -13.25 31.56
C THR B 156 -51.86 -12.48 31.59
N ALA B 157 -51.87 -11.39 32.36
CA ALA B 157 -53.08 -10.57 32.44
C ALA B 157 -53.48 -10.07 31.07
N GLY B 158 -54.77 -10.15 30.76
CA GLY B 158 -55.26 -9.68 29.49
C GLY B 158 -54.99 -10.56 28.26
N GLY B 159 -54.70 -11.82 28.45
CA GLY B 159 -54.41 -12.69 27.31
C GLY B 159 -53.09 -12.43 26.59
N LYS B 160 -52.18 -11.74 27.28
CA LYS B 160 -50.86 -11.47 26.75
C LYS B 160 -49.70 -11.71 27.76
N ILE B 161 -48.49 -11.87 27.23
CA ILE B 161 -47.30 -11.96 28.11
C ILE B 161 -46.70 -10.58 28.18
N THR B 162 -46.55 -10.07 29.38
CA THR B 162 -45.81 -8.86 29.56
C THR B 162 -44.81 -9.22 30.64
N ALA B 163 -43.60 -8.71 30.51
CA ALA B 163 -42.57 -8.93 31.50
C ALA B 163 -42.21 -7.62 32.18
N SER B 164 -41.48 -7.67 33.31
CA SER B 164 -40.88 -6.48 33.90
C SER B 164 -39.62 -6.89 34.69
N ILE B 165 -38.66 -5.99 34.82
CA ILE B 165 -37.40 -6.26 35.51
C ILE B 165 -37.18 -5.14 36.48
N LYS B 166 -37.12 -5.49 37.74
CA LYS B 166 -36.85 -4.54 38.81
C LYS B 166 -35.40 -4.67 39.19
N TRP B 167 -34.62 -3.65 38.88
CA TRP B 167 -33.20 -3.59 39.24
C TRP B 167 -33.02 -3.11 40.66
N GLY B 168 -32.26 -3.86 41.46
CA GLY B 168 -32.04 -3.53 42.84
C GLY B 168 -30.82 -2.63 43.00
N SER B 169 -30.60 -2.09 44.20
CA SER B 169 -29.44 -1.26 44.43
C SER B 169 -28.19 -2.08 44.34
N PRO B 170 -27.14 -1.54 43.71
CA PRO B 170 -25.90 -2.27 43.63
C PRO B 170 -25.22 -2.30 44.98
N VAL B 171 -24.49 -3.36 45.21
CA VAL B 171 -23.73 -3.59 46.42
C VAL B 171 -22.28 -3.71 46.01
N SER B 172 -21.41 -3.06 46.78
CA SER B 172 -19.99 -3.22 46.56
C SER B 172 -19.48 -4.58 47.10
N LEU B 173 -18.69 -5.22 46.26
CA LEU B 173 -17.99 -6.47 46.64
C LEU B 173 -16.54 -6.27 47.02
N LYS B 174 -16.16 -5.02 47.33
CA LYS B 174 -14.77 -4.73 47.61
C LYS B 174 -14.24 -5.45 48.83
N GLU B 175 -15.12 -5.75 49.80
CA GLU B 175 -14.73 -6.46 51.01
C GLU B 175 -14.21 -7.84 50.75
N PHE B 176 -14.48 -8.40 49.57
CA PHE B 176 -13.99 -9.75 49.27
C PHE B 176 -12.68 -9.77 48.45
N PHE B 177 -12.03 -8.61 48.24
CA PHE B 177 -10.79 -8.50 47.46
C PHE B 177 -9.62 -8.49 48.44
N PRO B 178 -8.79 -9.53 48.40
CA PRO B 178 -7.62 -9.60 49.29
C PRO B 178 -6.51 -8.67 48.84
N ALA B 179 -5.78 -8.18 49.83
CA ALA B 179 -4.67 -7.32 49.62
C ALA B 179 -3.48 -8.02 48.97
N GLU B 180 -3.37 -9.34 49.18
CA GLU B 180 -2.29 -10.10 48.59
C GLU B 180 -2.82 -11.36 47.89
N MET B 181 -2.15 -11.74 46.81
CA MET B 181 -2.44 -12.98 46.12
C MET B 181 -1.13 -13.61 45.82
N GLU B 182 -0.94 -14.76 46.40
CA GLU B 182 0.21 -15.56 46.13
C GLU B 182 1.47 -14.73 46.03
N GLY B 183 1.67 -13.88 47.03
CA GLY B 183 2.89 -13.08 47.08
C GLY B 183 2.85 -11.73 46.39
N MET B 184 1.99 -11.49 45.39
CA MET B 184 1.90 -10.16 44.77
C MET B 184 0.92 -9.31 45.56
N HIS B 185 0.92 -8.00 45.32
CA HIS B 185 0.01 -7.06 45.97
C HIS B 185 -1.02 -6.63 44.99
N THR B 186 -2.29 -6.82 45.35
CA THR B 186 -3.40 -6.49 44.41
C THR B 186 -3.66 -4.97 44.25
N ASN B 187 -4.25 -4.57 43.12
CA ASN B 187 -4.64 -3.19 42.92
C ASN B 187 -6.19 -3.05 42.60
N GLN B 188 -6.59 -3.64 41.47
CA GLN B 188 -8.02 -3.63 41.07
C GLN B 188 -8.46 -4.91 40.35
N PHE B 189 -9.78 -5.09 40.20
CA PHE B 189 -10.32 -6.17 39.36
C PHE B 189 -11.65 -5.77 38.71
N LEU B 190 -11.93 -6.36 37.54
CA LEU B 190 -13.22 -6.22 36.83
C LEU B 190 -13.70 -7.54 36.24
N GLY B 191 -14.97 -7.64 35.87
CA GLY B 191 -15.37 -8.85 35.15
C GLY B 191 -14.72 -8.83 33.76
N GLY B 192 -14.88 -9.94 33.03
CA GLY B 192 -14.38 -10.07 31.67
C GLY B 192 -15.31 -9.53 30.57
N ALA B 193 -16.51 -9.13 30.97
CA ALA B 193 -17.56 -8.61 30.07
C ALA B 193 -18.36 -9.74 29.42
N GLY B 194 -19.42 -9.39 28.74
CA GLY B 194 -20.30 -10.37 28.21
C GLY B 194 -21.00 -11.30 29.23
N VAL B 195 -21.03 -12.60 28.92
CA VAL B 195 -21.84 -13.57 29.67
C VAL B 195 -21.04 -14.63 30.37
N ALA B 196 -21.27 -14.73 31.66
CA ALA B 196 -20.63 -15.76 32.49
C ALA B 196 -21.62 -16.85 32.83
N ILE B 197 -21.34 -17.68 33.87
CA ILE B 197 -22.10 -18.89 34.11
C ILE B 197 -22.48 -19.22 35.56
N VAL B 198 -23.49 -20.08 35.65
CA VAL B 198 -23.78 -20.80 36.88
C VAL B 198 -23.09 -22.14 36.62
N ALA B 199 -22.21 -22.62 37.51
CA ALA B 199 -21.60 -23.95 37.33
C ALA B 199 -22.61 -25.06 37.71
N SER B 200 -22.30 -26.27 37.24
CA SER B 200 -23.13 -27.49 37.47
C SER B 200 -23.55 -27.56 38.94
N ASN B 201 -22.63 -27.16 39.83
CA ASN B 201 -22.94 -27.28 41.23
C ASN B 201 -23.73 -26.13 41.85
N GLY B 202 -24.24 -25.18 41.04
CA GLY B 202 -24.98 -24.04 41.57
C GLY B 202 -24.15 -22.77 41.81
N ASN B 203 -22.82 -22.90 41.91
CA ASN B 203 -21.97 -21.74 42.10
C ASN B 203 -22.12 -20.65 40.97
N LEU B 204 -22.13 -19.40 41.38
CA LEU B 204 -22.04 -18.33 40.41
C LEU B 204 -20.55 -18.20 40.10
N VAL B 205 -20.18 -18.10 38.82
CA VAL B 205 -18.79 -18.05 38.46
C VAL B 205 -18.49 -16.95 37.46
N TYR B 206 -17.68 -15.98 37.91
CA TYR B 206 -17.17 -14.95 37.07
C TYR B 206 -15.69 -15.11 36.82
N PRO B 207 -15.30 -15.18 35.54
CA PRO B 207 -13.88 -15.10 35.26
C PRO B 207 -13.59 -13.60 35.37
N VAL B 208 -12.52 -13.24 36.04
CA VAL B 208 -12.19 -11.84 36.23
C VAL B 208 -10.74 -11.48 35.79
N GLN B 209 -10.56 -10.20 35.47
CA GLN B 209 -9.26 -9.64 35.13
C GLN B 209 -8.82 -8.81 36.33
N VAL B 210 -7.57 -9.03 36.73
CA VAL B 210 -6.98 -8.47 37.93
C VAL B 210 -5.64 -7.77 37.68
N THR B 211 -5.39 -6.64 38.32
CA THR B 211 -4.08 -5.99 38.22
C THR B 211 -3.34 -6.09 39.57
N ASN B 212 -2.01 -6.18 39.53
CA ASN B 212 -1.18 -6.09 40.78
C ASN B 212 -0.47 -4.73 40.77
N LYS B 213 0.35 -4.50 41.78
CA LYS B 213 1.00 -3.21 41.96
C LYS B 213 2.11 -2.94 40.94
N LYS B 214 2.55 -3.99 40.24
CA LYS B 214 3.48 -3.83 39.13
C LYS B 214 2.74 -3.53 37.80
N LYS B 215 1.42 -3.41 37.93
CA LYS B 215 0.53 -3.09 36.81
C LYS B 215 0.50 -4.26 35.82
N GLN B 216 0.81 -5.47 36.28
CA GLN B 216 0.69 -6.63 35.39
C GLN B 216 -0.83 -6.99 35.41
N VAL B 217 -1.32 -7.55 34.32
N VAL B 217 -1.33 -7.55 34.31
CA VAL B 217 -2.72 -7.97 34.25
CA VAL B 217 -2.73 -7.97 34.23
C VAL B 217 -2.82 -9.48 34.15
C VAL B 217 -2.80 -9.49 34.18
N PHE B 218 -3.76 -10.08 34.88
CA PHE B 218 -3.92 -11.54 34.83
C PHE B 218 -5.38 -11.93 35.12
N SER B 219 -5.77 -13.14 34.71
CA SER B 219 -7.12 -13.67 34.93
C SER B 219 -7.24 -14.67 36.12
N LYS B 220 -8.35 -14.67 36.79
CA LYS B 220 -8.67 -15.58 37.92
C LYS B 220 -10.15 -15.98 37.81
N ILE B 221 -10.55 -16.88 38.74
CA ILE B 221 -11.94 -17.28 38.91
C ILE B 221 -12.41 -16.66 40.22
N PHE B 222 -13.55 -15.97 40.16
CA PHE B 222 -14.18 -15.26 41.31
C PHE B 222 -15.55 -15.89 41.40
N TYR B 223 -15.87 -16.51 42.54
CA TYR B 223 -17.06 -17.39 42.59
C TYR B 223 -17.88 -17.29 43.88
N SER B 224 -19.17 -17.62 43.77
CA SER B 224 -20.07 -17.57 44.95
C SER B 224 -20.87 -18.86 45.15
N GLU B 225 -20.84 -19.31 46.42
CA GLU B 225 -21.52 -20.50 46.86
C GLU B 225 -22.91 -20.23 47.50
N ASP B 226 -23.24 -18.98 47.74
CA ASP B 226 -24.48 -18.52 48.40
C ASP B 226 -25.31 -17.46 47.61
N GLU B 227 -25.48 -17.67 46.31
CA GLU B 227 -26.30 -16.80 45.48
C GLU B 227 -25.78 -15.40 45.39
N GLY B 228 -24.45 -15.23 45.41
CA GLY B 228 -23.82 -13.93 45.23
C GLY B 228 -23.71 -13.04 46.42
N LYS B 229 -24.03 -13.58 47.60
CA LYS B 229 -23.91 -12.79 48.81
C LYS B 229 -22.43 -12.69 49.31
N THR B 230 -21.64 -13.76 49.21
CA THR B 230 -20.22 -13.70 49.55
C THR B 230 -19.45 -14.31 48.39
N TRP B 231 -18.22 -13.85 48.20
CA TRP B 231 -17.34 -14.30 47.10
C TRP B 231 -15.94 -14.80 47.54
N LYS B 232 -15.33 -15.64 46.70
CA LYS B 232 -14.01 -16.19 46.90
C LYS B 232 -13.21 -16.11 45.57
N PHE B 233 -11.89 -16.02 45.67
CA PHE B 233 -11.04 -16.14 44.48
C PHE B 233 -10.38 -17.53 44.46
N GLY B 234 -10.27 -18.10 43.26
CA GLY B 234 -9.46 -19.29 43.07
C GLY B 234 -8.00 -18.92 43.32
N LYS B 235 -7.17 -19.87 43.74
N LYS B 235 -7.16 -19.86 43.72
CA LYS B 235 -5.76 -19.63 44.08
CA LYS B 235 -5.77 -19.58 44.05
C LYS B 235 -4.86 -19.50 42.85
C LYS B 235 -4.85 -19.51 42.85
N GLY B 236 -5.28 -20.10 41.74
CA GLY B 236 -4.50 -20.05 40.50
C GLY B 236 -4.78 -18.87 39.62
N ARG B 237 -4.07 -18.81 38.50
CA ARG B 237 -4.21 -17.69 37.57
C ARG B 237 -3.64 -18.04 36.24
N SER B 238 -3.97 -17.22 35.28
CA SER B 238 -3.38 -17.30 33.96
C SER B 238 -2.03 -16.67 33.95
N ALA B 239 -1.37 -16.77 32.79
CA ALA B 239 -0.12 -16.05 32.61
C ALA B 239 -0.45 -14.58 32.64
N PHE B 240 0.57 -13.78 32.93
CA PHE B 240 0.41 -12.36 32.86
C PHE B 240 0.20 -11.97 31.39
N GLY B 241 -0.59 -10.93 31.19
CA GLY B 241 -0.91 -10.47 29.86
C GLY B 241 -2.28 -10.97 29.37
N CYS B 242 -2.98 -11.79 30.17
CA CYS B 242 -4.32 -12.29 29.77
C CYS B 242 -5.43 -11.45 30.39
N SER B 243 -6.24 -10.80 29.54
CA SER B 243 -7.30 -9.87 29.95
C SER B 243 -8.66 -10.38 29.41
N GLU B 244 -9.73 -9.63 29.69
CA GLU B 244 -11.11 -9.95 29.27
C GLU B 244 -11.40 -11.42 29.15
N PRO B 245 -11.28 -12.20 30.25
CA PRO B 245 -11.50 -13.63 30.15
C PRO B 245 -12.98 -13.99 29.99
N VAL B 246 -13.24 -15.07 29.26
CA VAL B 246 -14.57 -15.62 29.05
C VAL B 246 -14.53 -17.11 29.29
N ALA B 247 -15.53 -17.57 30.07
CA ALA B 247 -15.56 -18.96 30.46
C ALA B 247 -16.86 -19.74 30.31
N LEU B 248 -16.69 -21.04 30.14
CA LEU B 248 -17.77 -22.01 30.16
C LEU B 248 -17.38 -23.25 30.95
N GLU B 249 -18.33 -24.19 31.14
CA GLU B 249 -18.02 -25.47 31.84
C GLU B 249 -18.17 -26.61 30.90
N TRP B 250 -17.11 -27.42 30.72
CA TRP B 250 -17.15 -28.54 29.75
C TRP B 250 -16.68 -29.81 30.49
N GLU B 251 -17.54 -30.83 30.52
CA GLU B 251 -17.14 -32.14 31.10
C GLU B 251 -16.47 -32.06 32.47
N GLY B 252 -17.06 -31.27 33.35
CA GLY B 252 -16.52 -31.16 34.70
C GLY B 252 -15.48 -30.06 34.93
N LYS B 253 -15.05 -29.39 33.88
CA LYS B 253 -13.97 -28.42 34.02
C LYS B 253 -14.37 -27.03 33.54
N LEU B 254 -13.87 -26.01 34.21
CA LEU B 254 -13.98 -24.69 33.67
C LEU B 254 -12.93 -24.57 32.55
N ILE B 255 -13.39 -24.00 31.44
CA ILE B 255 -12.57 -23.63 30.28
C ILE B 255 -12.63 -22.14 30.23
N ILE B 256 -11.48 -21.52 30.41
CA ILE B 256 -11.31 -20.09 30.50
C ILE B 256 -10.48 -19.62 29.31
N ASN B 257 -11.13 -18.91 28.40
CA ASN B 257 -10.58 -18.46 27.09
C ASN B 257 -10.22 -16.96 27.16
N THR B 258 -8.93 -16.64 27.02
CA THR B 258 -8.42 -15.28 27.27
C THR B 258 -7.98 -14.43 26.07
N ARG B 259 -8.20 -13.11 26.17
CA ARG B 259 -7.61 -12.15 25.26
C ARG B 259 -6.15 -11.85 25.63
N VAL B 260 -5.25 -11.80 24.62
CA VAL B 260 -3.87 -11.42 24.84
C VAL B 260 -3.50 -10.50 23.71
N ASP B 261 -3.44 -9.21 24.04
CA ASP B 261 -3.11 -8.24 23.02
C ASP B 261 -1.80 -8.62 22.33
N TYR B 262 -1.74 -8.52 21.00
CA TYR B 262 -0.51 -8.75 20.25
C TYR B 262 0.00 -10.23 20.25
N ARG B 263 -0.82 -11.17 20.69
CA ARG B 263 -0.45 -12.58 20.76
C ARG B 263 -1.63 -13.51 20.51
N ARG B 264 -1.36 -14.83 20.36
CA ARG B 264 -2.43 -15.79 20.13
C ARG B 264 -3.15 -15.96 21.47
N ARG B 265 -4.43 -16.23 21.43
CA ARG B 265 -5.22 -16.41 22.68
C ARG B 265 -4.84 -17.67 23.44
N LEU B 266 -4.72 -17.56 24.75
CA LEU B 266 -4.38 -18.68 25.63
C LEU B 266 -5.69 -19.17 26.32
N VAL B 267 -5.86 -20.49 26.35
CA VAL B 267 -7.01 -21.11 26.94
C VAL B 267 -6.58 -22.03 28.06
N TYR B 268 -7.29 -22.01 29.17
CA TYR B 268 -6.91 -22.85 30.33
C TYR B 268 -8.09 -23.70 30.80
N GLU B 269 -7.77 -24.79 31.52
CA GLU B 269 -8.78 -25.68 32.10
C GLU B 269 -8.57 -25.73 33.62
N SER B 270 -9.68 -25.71 34.39
CA SER B 270 -9.61 -25.84 35.85
C SER B 270 -10.79 -26.71 36.34
N SER B 271 -10.45 -27.78 37.03
CA SER B 271 -11.44 -28.69 37.59
C SER B 271 -11.74 -28.45 39.12
N ASP B 272 -11.06 -27.49 39.73
CA ASP B 272 -11.21 -27.17 41.16
C ASP B 272 -11.56 -25.67 41.52
N MET B 273 -12.53 -25.13 40.79
CA MET B 273 -12.99 -23.76 41.01
C MET B 273 -11.85 -22.76 40.91
N GLY B 274 -10.90 -23.01 40.02
CA GLY B 274 -9.82 -22.08 39.82
C GLY B 274 -8.63 -22.20 40.75
N ASN B 275 -8.62 -23.21 41.59
CA ASN B 275 -7.43 -23.33 42.44
C ASN B 275 -6.19 -23.79 41.65
N THR B 276 -6.42 -24.57 40.56
CA THR B 276 -5.34 -25.10 39.73
C THR B 276 -5.67 -24.86 38.27
N TRP B 277 -4.79 -24.18 37.55
CA TRP B 277 -5.04 -23.86 36.13
C TRP B 277 -3.98 -24.63 35.33
N LEU B 278 -4.41 -25.26 34.24
CA LEU B 278 -3.52 -25.96 33.30
C LEU B 278 -3.78 -25.49 31.88
N GLU B 279 -2.77 -24.98 31.17
CA GLU B 279 -3.01 -24.52 29.78
C GLU B 279 -3.56 -25.66 28.94
N ALA B 280 -4.62 -25.36 28.20
CA ALA B 280 -5.24 -26.38 27.33
C ALA B 280 -4.49 -26.61 25.97
N VAL B 281 -3.25 -27.03 26.07
CA VAL B 281 -2.37 -27.28 24.92
C VAL B 281 -2.85 -28.39 23.96
N GLY B 282 -3.58 -29.33 24.51
CA GLY B 282 -4.08 -30.43 23.74
C GLY B 282 -5.38 -30.18 23.02
N THR B 283 -5.92 -28.97 23.11
CA THR B 283 -7.23 -28.71 22.52
C THR B 283 -7.44 -27.33 21.92
N LEU B 284 -7.56 -26.27 22.76
CA LEU B 284 -7.98 -24.96 22.28
C LEU B 284 -6.97 -23.86 22.40
N SER B 285 -5.93 -24.03 23.22
CA SER B 285 -5.01 -22.94 23.43
C SER B 285 -4.13 -22.70 22.20
N ARG B 286 -3.88 -21.43 21.91
CA ARG B 286 -3.08 -20.91 20.76
C ARG B 286 -3.70 -21.12 19.38
N VAL B 287 -4.90 -21.71 19.35
CA VAL B 287 -5.62 -21.89 18.11
C VAL B 287 -6.00 -20.55 17.48
N TRP B 288 -6.55 -19.61 18.24
CA TRP B 288 -7.01 -18.40 17.61
C TRP B 288 -6.11 -17.17 17.69
N GLY B 289 -5.73 -16.61 16.51
CA GLY B 289 -4.94 -15.40 16.40
C GLY B 289 -5.79 -14.12 16.23
N PRO B 290 -5.33 -13.00 16.81
CA PRO B 290 -6.09 -11.73 16.83
C PRO B 290 -6.07 -10.93 15.53
N SER B 291 -5.21 -11.32 14.60
CA SER B 291 -5.07 -10.69 13.24
C SER B 291 -4.29 -11.67 12.37
N PRO B 292 -4.32 -11.50 11.07
CA PRO B 292 -3.58 -12.39 10.16
C PRO B 292 -2.14 -12.76 10.57
N LYS B 293 -1.42 -11.79 11.13
CA LYS B 293 -0.03 -11.98 11.54
C LYS B 293 0.14 -12.00 13.04
N SER B 294 -1.00 -12.06 13.75
CA SER B 294 -1.06 -12.20 15.20
C SER B 294 -0.20 -11.23 15.93
N ASN B 295 -0.24 -9.97 15.49
CA ASN B 295 0.55 -8.89 16.13
C ASN B 295 -0.28 -7.57 16.32
N GLN B 296 -1.58 -7.73 16.55
CA GLN B 296 -2.47 -6.60 16.75
C GLN B 296 -3.27 -6.78 18.07
N PRO B 297 -4.03 -5.75 18.53
CA PRO B 297 -4.88 -5.93 19.71
C PRO B 297 -5.91 -7.08 19.57
N GLY B 298 -6.27 -7.67 20.70
CA GLY B 298 -7.24 -8.72 20.80
C GLY B 298 -8.61 -8.16 20.95
N SER B 299 -9.52 -9.02 21.44
CA SER B 299 -10.94 -8.74 21.50
C SER B 299 -11.66 -9.53 22.59
N GLN B 300 -12.81 -9.00 22.97
CA GLN B 300 -13.84 -9.69 23.82
C GLN B 300 -14.43 -10.71 22.85
N SER B 301 -14.89 -11.87 23.36
CA SER B 301 -15.44 -12.93 22.52
C SER B 301 -16.59 -13.60 23.25
N SER B 302 -17.58 -14.05 22.51
CA SER B 302 -18.65 -14.87 23.08
C SER B 302 -18.13 -16.31 23.11
N PHE B 303 -18.46 -17.09 24.14
CA PHE B 303 -17.88 -18.46 24.29
C PHE B 303 -18.84 -19.21 25.22
N THR B 304 -19.69 -20.05 24.62
CA THR B 304 -20.78 -20.77 25.30
C THR B 304 -20.86 -22.22 24.97
N ALA B 305 -21.45 -22.97 25.90
CA ALA B 305 -21.71 -24.40 25.72
C ALA B 305 -23.22 -24.61 25.64
N VAL B 306 -23.66 -25.29 24.57
CA VAL B 306 -25.07 -25.48 24.25
C VAL B 306 -25.28 -26.92 23.74
N THR B 307 -26.54 -27.32 23.55
CA THR B 307 -26.91 -28.63 23.05
C THR B 307 -27.80 -28.38 21.81
N ILE B 308 -27.28 -28.77 20.63
CA ILE B 308 -27.93 -28.61 19.35
C ILE B 308 -28.22 -30.06 18.83
N GLU B 309 -29.47 -30.36 18.58
CA GLU B 309 -29.84 -31.65 18.02
C GLU B 309 -29.28 -32.79 18.87
N GLY B 310 -29.39 -32.62 20.19
CA GLY B 310 -28.89 -33.60 21.13
C GLY B 310 -27.38 -33.72 21.31
N MET B 311 -26.59 -32.84 20.69
N MET B 311 -26.59 -32.83 20.70
CA MET B 311 -25.11 -32.87 20.76
CA MET B 311 -25.13 -32.88 20.77
C MET B 311 -24.55 -31.70 21.56
C MET B 311 -24.55 -31.70 21.56
N ARG B 312 -23.77 -31.99 22.59
CA ARG B 312 -23.11 -30.92 23.38
C ARG B 312 -22.01 -30.28 22.56
N VAL B 313 -22.02 -28.96 22.38
CA VAL B 313 -20.98 -28.29 21.60
C VAL B 313 -20.64 -26.92 22.13
N MET B 314 -19.55 -26.34 21.65
CA MET B 314 -19.12 -25.01 22.00
C MET B 314 -19.18 -24.03 20.80
N LEU B 315 -19.72 -22.83 21.04
CA LEU B 315 -19.70 -21.75 20.05
C LEU B 315 -18.75 -20.60 20.51
N PHE B 316 -17.90 -20.13 19.60
CA PHE B 316 -16.93 -19.08 19.90
C PHE B 316 -16.93 -18.00 18.79
N THR B 317 -16.89 -16.72 19.18
CA THR B 317 -16.74 -15.61 18.22
C THR B 317 -15.50 -14.78 18.43
N HIS B 318 -14.98 -14.25 17.33
CA HIS B 318 -13.84 -13.30 17.37
C HIS B 318 -13.61 -12.66 16.00
N PRO B 319 -13.32 -11.37 15.94
CA PRO B 319 -13.07 -10.71 14.62
C PRO B 319 -11.75 -11.16 14.01
N LEU B 320 -11.65 -11.16 12.69
CA LEU B 320 -10.39 -11.57 12.03
C LEU B 320 -9.39 -10.38 12.05
N ASN B 321 -9.89 -9.13 12.12
CA ASN B 321 -9.02 -7.93 12.21
C ASN B 321 -8.00 -7.78 11.08
N PHE B 322 -8.48 -7.88 9.84
CA PHE B 322 -7.62 -7.68 8.64
C PHE B 322 -7.09 -6.23 8.63
N LYS B 323 -7.94 -5.29 9.00
CA LYS B 323 -7.52 -3.86 9.06
C LYS B 323 -6.39 -3.52 10.07
N GLY B 324 -6.36 -4.16 11.27
CA GLY B 324 -5.35 -3.89 12.27
C GLY B 324 -5.78 -2.85 13.34
N ARG B 325 -4.90 -2.63 14.31
CA ARG B 325 -5.16 -1.77 15.48
C ARG B 325 -6.46 -2.29 16.11
N TRP B 326 -7.37 -1.41 16.53
CA TRP B 326 -8.64 -1.86 17.20
C TRP B 326 -9.87 -1.87 16.25
N LEU B 327 -9.67 -1.67 14.94
CA LEU B 327 -10.77 -1.72 13.96
C LEU B 327 -11.61 -3.01 13.99
N ARG B 328 -10.93 -4.16 13.95
CA ARG B 328 -11.58 -5.43 14.26
C ARG B 328 -12.81 -5.74 13.40
N ASP B 329 -12.55 -5.67 12.11
CA ASP B 329 -13.49 -6.12 11.08
C ASP B 329 -13.53 -7.63 11.00
N ARG B 330 -14.60 -8.11 10.35
CA ARG B 330 -14.83 -9.49 9.99
C ARG B 330 -15.07 -10.45 11.17
N LEU B 331 -16.16 -10.20 11.90
CA LEU B 331 -16.57 -11.05 13.04
C LEU B 331 -16.86 -12.49 12.54
N ASN B 332 -16.13 -13.46 13.09
N ASN B 332 -16.11 -13.46 13.06
CA ASN B 332 -16.21 -14.83 12.66
CA ASN B 332 -16.26 -14.84 12.63
C ASN B 332 -16.78 -15.74 13.76
C ASN B 332 -16.74 -15.78 13.75
N LEU B 333 -17.63 -16.71 13.38
CA LEU B 333 -18.17 -17.69 14.33
C LEU B 333 -17.53 -19.08 14.10
N TRP B 334 -17.28 -19.80 15.20
CA TRP B 334 -16.65 -21.07 15.22
C TRP B 334 -17.45 -22.08 16.04
N LEU B 335 -17.42 -23.33 15.60
CA LEU B 335 -18.09 -24.45 16.23
C LEU B 335 -17.08 -25.52 16.61
N THR B 336 -17.04 -25.97 17.89
CA THR B 336 -16.12 -27.03 18.29
C THR B 336 -16.69 -28.03 19.30
N ASP B 337 -16.28 -29.27 19.17
CA ASP B 337 -16.66 -30.28 20.17
C ASP B 337 -15.51 -30.65 21.10
N ASN B 338 -14.55 -29.77 21.21
CA ASN B 338 -13.32 -29.95 21.96
C ASN B 338 -12.35 -30.91 21.25
N GLN B 339 -12.64 -31.26 19.99
CA GLN B 339 -11.77 -32.14 19.22
C GLN B 339 -11.55 -31.50 17.83
N ARG B 340 -12.66 -31.39 17.12
CA ARG B 340 -12.74 -30.71 15.83
C ARG B 340 -13.10 -29.23 16.01
N ILE B 341 -12.56 -28.37 15.10
CA ILE B 341 -12.86 -26.97 15.13
C ILE B 341 -13.26 -26.49 13.74
N TYR B 342 -14.50 -26.03 13.61
CA TYR B 342 -15.11 -25.68 12.35
C TYR B 342 -15.40 -24.16 12.19
N ASN B 343 -15.01 -23.60 11.02
CA ASN B 343 -15.21 -22.18 10.67
C ASN B 343 -16.61 -22.04 10.09
N VAL B 344 -17.56 -21.56 10.91
CA VAL B 344 -18.95 -21.42 10.46
C VAL B 344 -19.07 -20.30 9.43
N GLY B 345 -18.31 -19.21 9.66
CA GLY B 345 -18.18 -18.15 8.68
C GLY B 345 -18.31 -16.76 9.30
N GLN B 346 -18.39 -15.75 8.45
CA GLN B 346 -18.38 -14.34 8.89
C GLN B 346 -19.80 -13.95 9.19
N VAL B 347 -20.03 -13.44 10.41
CA VAL B 347 -21.34 -13.00 10.86
C VAL B 347 -21.65 -11.56 10.45
N SER B 348 -20.63 -10.72 10.49
CA SER B 348 -20.78 -9.32 10.13
C SER B 348 -20.81 -9.20 8.60
N ILE B 349 -21.19 -8.01 8.12
CA ILE B 349 -21.38 -7.80 6.69
C ILE B 349 -20.26 -7.02 6.03
N GLY B 350 -19.72 -7.58 4.97
CA GLY B 350 -18.73 -6.87 4.15
C GLY B 350 -17.52 -6.57 4.98
N ASP B 351 -16.84 -5.46 4.77
CA ASP B 351 -15.70 -5.10 5.59
C ASP B 351 -16.07 -4.21 6.82
N GLU B 352 -17.31 -4.25 7.30
CA GLU B 352 -17.66 -3.35 8.43
C GLU B 352 -16.77 -3.70 9.64
N ASN B 353 -16.50 -2.73 10.49
CA ASN B 353 -15.76 -2.92 11.76
C ASN B 353 -16.78 -3.44 12.77
N SER B 354 -16.46 -4.57 13.37
CA SER B 354 -17.39 -5.34 14.18
C SER B 354 -16.65 -6.16 15.23
N ALA B 355 -16.29 -5.54 16.34
CA ALA B 355 -15.42 -6.15 17.33
C ALA B 355 -16.10 -7.11 18.36
N TYR B 356 -16.94 -6.55 19.25
CA TYR B 356 -17.53 -7.30 20.40
C TYR B 356 -18.91 -7.90 20.07
N SER B 357 -19.17 -9.09 20.63
CA SER B 357 -20.32 -9.89 20.24
C SER B 357 -20.86 -10.78 21.36
N SER B 358 -22.11 -11.19 21.17
CA SER B 358 -22.78 -12.10 22.11
C SER B 358 -23.73 -13.01 21.34
N VAL B 359 -23.46 -14.30 21.38
CA VAL B 359 -24.33 -15.31 20.71
C VAL B 359 -25.32 -16.02 21.64
N LEU B 360 -26.59 -16.07 21.25
CA LEU B 360 -27.61 -16.74 22.08
C LEU B 360 -28.27 -17.81 21.26
N TYR B 361 -28.44 -18.99 21.86
CA TYR B 361 -29.22 -20.08 21.26
C TYR B 361 -30.47 -20.32 22.13
N LYS B 362 -31.67 -20.05 21.59
CA LYS B 362 -32.90 -20.14 22.37
C LYS B 362 -34.03 -20.70 21.52
N ASP B 363 -34.66 -21.74 22.03
CA ASP B 363 -35.76 -22.42 21.32
C ASP B 363 -35.35 -22.86 19.89
N ASP B 364 -34.14 -23.40 19.76
CA ASP B 364 -33.63 -23.88 18.49
C ASP B 364 -33.50 -22.76 17.46
N LYS B 365 -33.23 -21.53 17.90
CA LYS B 365 -32.96 -20.44 16.97
C LYS B 365 -31.70 -19.79 17.51
N LEU B 366 -30.91 -19.22 16.62
CA LEU B 366 -29.60 -18.71 16.99
C LEU B 366 -29.61 -17.22 16.71
N TYR B 367 -29.10 -16.44 17.66
CA TYR B 367 -29.05 -14.98 17.55
C TYR B 367 -27.69 -14.42 17.93
N CYS B 368 -27.37 -13.23 17.38
CA CYS B 368 -26.14 -12.51 17.79
C CYS B 368 -26.39 -10.99 17.91
N LEU B 369 -25.97 -10.43 19.07
CA LEU B 369 -25.96 -9.01 19.35
C LEU B 369 -24.50 -8.59 19.21
N HIS B 370 -24.21 -7.74 18.22
CA HIS B 370 -22.80 -7.32 17.99
C HIS B 370 -22.64 -5.88 17.57
N GLU B 371 -21.44 -5.37 17.76
CA GLU B 371 -21.05 -4.00 17.47
C GLU B 371 -20.83 -3.76 15.95
N ILE B 372 -21.26 -2.60 15.48
CA ILE B 372 -20.79 -2.06 14.22
C ILE B 372 -20.24 -0.65 14.53
N ASN B 373 -19.08 -0.35 13.96
CA ASN B 373 -18.35 0.87 14.24
C ASN B 373 -18.03 1.60 12.95
N SER B 374 -18.58 2.81 12.78
CA SER B 374 -18.13 3.75 11.75
C SER B 374 -17.64 5.08 12.47
N ASN B 375 -16.41 5.44 12.11
CA ASN B 375 -15.74 6.62 12.64
C ASN B 375 -15.80 6.75 14.19
N GLU B 376 -15.64 5.62 14.89
CA GLU B 376 -15.68 5.55 16.36
C GLU B 376 -17.03 5.97 16.96
N VAL B 377 -18.06 5.63 16.19
CA VAL B 377 -19.43 5.74 16.65
C VAL B 377 -20.01 4.31 16.47
N TYR B 378 -20.45 3.73 17.61
CA TYR B 378 -20.83 2.31 17.71
C TYR B 378 -22.32 2.07 17.95
N SER B 379 -22.91 1.18 17.15
CA SER B 379 -24.26 0.65 17.36
C SER B 379 -24.16 -0.85 17.70
N LEU B 380 -25.27 -1.40 18.13
CA LEU B 380 -25.43 -2.84 18.32
C LEU B 380 -26.58 -3.30 17.48
N VAL B 381 -26.26 -4.23 16.58
CA VAL B 381 -27.22 -4.84 15.72
C VAL B 381 -27.63 -6.16 16.33
N PHE B 382 -28.91 -6.51 16.16
CA PHE B 382 -29.48 -7.77 16.66
C PHE B 382 -29.79 -8.64 15.43
N ALA B 383 -29.06 -9.71 15.24
CA ALA B 383 -29.18 -10.54 14.01
C ALA B 383 -29.72 -11.90 14.27
N ARG B 384 -30.38 -12.42 13.23
CA ARG B 384 -31.06 -13.68 13.32
C ARG B 384 -30.24 -14.56 12.43
N LEU B 385 -29.46 -15.44 13.06
CA LEU B 385 -28.48 -16.31 12.40
C LEU B 385 -29.12 -17.60 11.78
N VAL B 386 -29.97 -17.41 10.78
CA VAL B 386 -30.66 -18.53 10.12
C VAL B 386 -29.66 -19.40 9.33
N GLY B 387 -28.93 -18.84 8.38
CA GLY B 387 -28.00 -19.65 7.60
C GLY B 387 -26.88 -20.29 8.44
N GLU B 388 -26.48 -19.57 9.48
CA GLU B 388 -25.40 -20.07 10.33
C GLU B 388 -25.84 -21.33 11.07
N LEU B 389 -27.08 -21.38 11.51
CA LEU B 389 -27.59 -22.53 12.22
C LEU B 389 -27.76 -23.69 11.24
N ARG B 390 -28.21 -23.42 10.01
CA ARG B 390 -28.31 -24.46 9.00
C ARG B 390 -26.91 -25.12 8.74
N ILE B 391 -25.84 -24.33 8.65
CA ILE B 391 -24.50 -24.86 8.40
C ILE B 391 -24.06 -25.65 9.63
N ILE B 392 -24.32 -25.06 10.80
CA ILE B 392 -23.98 -25.77 12.04
C ILE B 392 -24.64 -27.16 12.14
N LYS B 393 -25.96 -27.24 11.90
CA LYS B 393 -26.69 -28.50 11.94
C LYS B 393 -26.14 -29.54 10.91
N SER B 394 -25.77 -29.08 9.71
CA SER B 394 -25.16 -29.95 8.70
C SER B 394 -23.82 -30.61 9.18
N VAL B 395 -22.93 -29.80 9.72
CA VAL B 395 -21.66 -30.28 10.20
C VAL B 395 -21.86 -31.28 11.37
N LEU B 396 -22.70 -30.94 12.32
CA LEU B 396 -22.98 -31.80 13.45
C LEU B 396 -23.52 -33.18 12.95
N GLN B 397 -24.32 -33.20 11.86
CA GLN B 397 -24.86 -34.47 11.35
C GLN B 397 -23.68 -35.29 10.77
N SER B 398 -22.72 -34.59 10.15
CA SER B 398 -21.51 -35.24 9.62
C SER B 398 -20.64 -35.84 10.75
N TRP B 399 -20.33 -35.07 11.80
CA TRP B 399 -19.63 -35.62 13.00
C TRP B 399 -20.34 -36.85 13.58
N LYS B 400 -21.65 -36.73 13.75
CA LYS B 400 -22.46 -37.82 14.32
C LYS B 400 -22.37 -39.06 13.39
N ASN B 401 -22.56 -38.87 12.08
CA ASN B 401 -22.57 -39.97 11.12
C ASN B 401 -21.24 -40.73 11.07
N TRP B 402 -20.11 -40.04 10.99
CA TRP B 402 -18.83 -40.74 10.91
C TRP B 402 -18.42 -41.37 12.24
N ASP B 403 -18.70 -40.70 13.37
CA ASP B 403 -18.40 -41.29 14.68
C ASP B 403 -19.25 -42.60 14.83
N SER B 404 -20.52 -42.57 14.40
CA SER B 404 -21.38 -43.78 14.46
C SER B 404 -20.87 -44.90 13.51
N HIS B 405 -20.40 -44.52 12.31
CA HIS B 405 -19.82 -45.45 11.32
C HIS B 405 -18.63 -46.20 11.90
N LEU B 406 -17.74 -45.47 12.56
CA LEU B 406 -16.54 -46.08 13.12
C LEU B 406 -16.85 -46.94 14.35
N SER B 407 -17.57 -46.34 15.29
CA SER B 407 -17.99 -47.02 16.51
C SER B 407 -18.95 -48.20 16.27
N SER B 408 -19.59 -48.30 15.11
CA SER B 408 -20.52 -49.40 14.86
C SER B 408 -19.83 -50.66 14.29
N ILE B 409 -18.57 -50.53 13.87
CA ILE B 409 -17.85 -51.63 13.23
C ILE B 409 -17.59 -52.78 14.22
N CYS B 410 -17.94 -53.99 13.77
CA CYS B 410 -17.72 -55.19 14.55
C CYS B 410 -16.25 -55.53 14.26
N THR B 411 -15.35 -55.27 15.21
CA THR B 411 -13.96 -55.54 14.95
C THR B 411 -13.62 -57.03 15.14
N PRO B 412 -12.61 -57.49 14.41
CA PRO B 412 -12.18 -58.88 14.44
C PRO B 412 -11.78 -59.52 15.75
N ALA B 413 -12.46 -60.62 16.05
CA ALA B 413 -12.12 -61.55 17.13
C ALA B 413 -13.35 -61.88 17.97
N GLY B 423 -19.89 -61.85 18.19
CA GLY B 423 -18.48 -62.05 18.46
C GLY B 423 -17.62 -60.92 17.90
N CYS B 424 -17.46 -59.85 18.65
CA CYS B 424 -16.65 -58.74 18.15
C CYS B 424 -15.67 -58.34 19.20
N GLY B 425 -14.54 -57.82 18.76
CA GLY B 425 -13.52 -57.30 19.66
C GLY B 425 -13.85 -55.86 20.10
N PRO B 426 -12.85 -55.16 20.64
CA PRO B 426 -13.09 -53.78 21.11
C PRO B 426 -13.43 -52.83 19.95
N ALA B 427 -14.22 -51.81 20.23
CA ALA B 427 -14.57 -50.87 19.21
C ALA B 427 -13.35 -50.00 18.84
N VAL B 428 -13.43 -49.51 17.62
CA VAL B 428 -12.56 -48.50 17.11
C VAL B 428 -12.85 -47.25 17.92
N THR B 429 -11.83 -46.65 18.48
CA THR B 429 -12.05 -45.47 19.29
C THR B 429 -12.20 -44.23 18.44
N THR B 430 -13.17 -43.38 18.80
CA THR B 430 -13.35 -42.02 18.23
C THR B 430 -13.01 -40.90 19.20
N VAL B 431 -12.56 -41.26 20.40
CA VAL B 431 -12.18 -40.33 21.41
C VAL B 431 -10.90 -39.64 20.99
N GLY B 432 -10.99 -38.33 20.80
CA GLY B 432 -9.87 -37.51 20.38
C GLY B 432 -9.60 -37.60 18.87
N LEU B 433 -10.53 -38.19 18.09
CA LEU B 433 -10.42 -38.25 16.63
C LEU B 433 -10.78 -36.91 16.05
N VAL B 434 -9.80 -36.29 15.41
CA VAL B 434 -9.92 -34.97 14.88
C VAL B 434 -10.16 -34.85 13.36
N GLY B 435 -9.46 -35.67 12.60
CA GLY B 435 -9.50 -35.60 11.13
C GLY B 435 -9.45 -36.97 10.50
N PHE B 436 -9.99 -37.11 9.29
CA PHE B 436 -10.14 -38.41 8.62
C PHE B 436 -10.16 -38.23 7.09
N LEU B 437 -9.11 -38.73 6.44
CA LEU B 437 -9.01 -38.64 4.99
C LEU B 437 -9.28 -40.04 4.44
N SER B 438 -10.37 -40.16 3.67
CA SER B 438 -10.82 -41.42 3.12
C SER B 438 -11.19 -41.31 1.62
N HIS B 439 -12.39 -41.78 1.28
CA HIS B 439 -12.81 -41.81 -0.12
C HIS B 439 -12.99 -40.46 -0.83
N SER B 440 -13.64 -39.48 -0.18
CA SER B 440 -13.94 -38.21 -0.88
C SER B 440 -12.68 -37.40 -1.16
N ALA B 441 -12.60 -36.91 -2.38
CA ALA B 441 -11.47 -36.13 -2.83
C ALA B 441 -11.90 -35.37 -4.09
N THR B 442 -11.19 -34.29 -4.42
CA THR B 442 -11.42 -33.58 -5.69
C THR B 442 -10.11 -33.56 -6.40
N LYS B 443 -10.06 -32.82 -7.51
CA LYS B 443 -8.82 -32.77 -8.29
C LYS B 443 -7.59 -32.40 -7.50
N THR B 444 -7.67 -31.37 -6.66
CA THR B 444 -6.50 -30.92 -5.93
C THR B 444 -6.57 -31.00 -4.38
N GLU B 445 -7.59 -31.70 -3.85
CA GLU B 445 -7.79 -31.84 -2.38
C GLU B 445 -8.28 -33.20 -1.92
N TRP B 446 -7.75 -33.67 -0.79
CA TRP B 446 -8.25 -34.86 -0.14
C TRP B 446 -9.11 -34.31 1.02
N GLU B 447 -10.40 -34.64 0.98
CA GLU B 447 -11.37 -34.07 1.96
C GLU B 447 -11.47 -34.72 3.35
N ASP B 448 -11.43 -33.85 4.37
CA ASP B 448 -11.67 -34.22 5.76
C ASP B 448 -13.12 -34.74 5.87
N ALA B 449 -13.30 -35.98 6.27
CA ALA B 449 -14.65 -36.43 6.53
C ALA B 449 -15.35 -35.51 7.58
N TYR B 450 -14.57 -34.91 8.48
CA TYR B 450 -15.12 -34.06 9.59
C TYR B 450 -15.24 -32.64 9.20
N ARG B 451 -14.91 -32.35 7.94
CA ARG B 451 -15.18 -31.09 7.27
C ARG B 451 -14.45 -29.81 7.78
N CYS B 452 -13.30 -29.95 8.42
CA CYS B 452 -12.64 -28.80 9.02
C CYS B 452 -11.37 -28.40 8.32
N VAL B 453 -10.52 -29.38 8.02
CA VAL B 453 -9.25 -29.11 7.36
C VAL B 453 -8.89 -30.16 6.31
N ASN B 454 -8.80 -29.72 5.05
CA ASN B 454 -8.48 -30.59 3.94
C ASN B 454 -6.99 -30.62 3.73
N ALA B 455 -6.52 -31.62 2.99
CA ALA B 455 -5.12 -31.67 2.60
C ALA B 455 -5.01 -31.31 1.10
N SER B 456 -3.96 -30.60 0.73
CA SER B 456 -3.75 -30.23 -0.65
C SER B 456 -3.03 -31.41 -1.28
N THR B 457 -3.28 -31.63 -2.57
CA THR B 457 -2.61 -32.76 -3.26
C THR B 457 -1.94 -32.38 -4.59
N ALA B 458 -1.05 -33.29 -5.01
CA ALA B 458 -0.35 -33.25 -6.29
C ALA B 458 -0.10 -34.68 -6.82
N ASN B 459 -0.26 -34.83 -8.13
CA ASN B 459 -0.03 -36.08 -8.83
C ASN B 459 -0.79 -37.20 -8.19
N ALA B 460 -2.05 -36.96 -7.86
CA ALA B 460 -2.80 -38.02 -7.22
C ALA B 460 -3.97 -38.53 -8.06
N GLU B 461 -4.09 -39.87 -8.04
CA GLU B 461 -5.16 -40.58 -8.71
C GLU B 461 -6.05 -41.21 -7.63
N ARG B 462 -7.34 -40.96 -7.75
CA ARG B 462 -8.32 -41.51 -6.84
C ARG B 462 -8.45 -43.00 -6.95
N VAL B 463 -8.45 -43.67 -5.80
CA VAL B 463 -8.74 -45.08 -5.69
C VAL B 463 -9.72 -45.26 -4.53
N PRO B 464 -10.27 -46.46 -4.35
CA PRO B 464 -11.15 -46.70 -3.22
C PRO B 464 -10.54 -46.30 -1.87
N ASN B 465 -11.22 -45.39 -1.15
CA ASN B 465 -10.86 -44.95 0.19
C ASN B 465 -9.52 -44.24 0.39
N GLY B 466 -9.03 -43.61 -0.71
CA GLY B 466 -7.74 -42.95 -0.72
C GLY B 466 -7.21 -42.52 -2.08
N LEU B 467 -5.90 -42.44 -2.18
CA LEU B 467 -5.24 -41.82 -3.34
C LEU B 467 -3.93 -42.51 -3.69
N LYS B 468 -3.60 -42.55 -4.98
CA LYS B 468 -2.38 -43.16 -5.47
C LYS B 468 -1.55 -42.04 -6.09
N PHE B 469 -0.32 -41.97 -5.61
CA PHE B 469 0.64 -40.91 -5.88
C PHE B 469 1.87 -41.41 -6.69
N ALA B 470 2.44 -40.51 -7.50
CA ALA B 470 3.61 -40.79 -8.30
C ALA B 470 4.28 -39.52 -8.77
N GLY B 471 5.60 -39.56 -8.82
CA GLY B 471 6.37 -38.51 -9.50
C GLY B 471 7.01 -37.57 -8.52
N VAL B 472 8.08 -36.94 -8.96
CA VAL B 472 8.74 -35.91 -8.18
C VAL B 472 7.75 -34.75 -7.91
N GLY B 473 7.57 -34.38 -6.66
CA GLY B 473 6.55 -33.37 -6.38
C GLY B 473 5.20 -33.91 -5.88
N GLY B 474 4.97 -35.22 -5.99
CA GLY B 474 3.71 -35.84 -5.66
C GLY B 474 3.54 -35.97 -4.14
N GLY B 475 2.27 -36.14 -3.71
CA GLY B 475 1.93 -36.29 -2.28
C GLY B 475 0.74 -35.43 -1.83
N ALA B 476 0.46 -35.50 -0.54
CA ALA B 476 -0.62 -34.70 0.12
C ALA B 476 -0.02 -33.95 1.33
N LEU B 477 -0.50 -32.71 1.57
CA LEU B 477 0.01 -31.87 2.61
C LEU B 477 -1.20 -31.47 3.48
N TRP B 478 -1.16 -31.82 4.75
CA TRP B 478 -2.20 -31.50 5.72
C TRP B 478 -1.64 -30.39 6.64
N PRO B 479 -2.06 -29.14 6.43
CA PRO B 479 -1.39 -27.99 7.06
C PRO B 479 -1.55 -27.91 8.57
N VAL B 480 -0.45 -27.57 9.28
CA VAL B 480 -0.45 -27.44 10.73
C VAL B 480 -0.24 -25.94 11.02
N SER B 481 0.99 -25.46 11.19
CA SER B 481 1.15 -24.02 11.31
C SER B 481 0.71 -23.29 10.03
N GLN B 482 0.94 -23.94 8.88
CA GLN B 482 0.47 -23.43 7.57
C GLN B 482 -1.03 -23.05 7.51
N GLN B 483 -1.80 -23.35 8.55
CA GLN B 483 -3.20 -22.92 8.57
C GLN B 483 -3.32 -21.39 8.65
N GLY B 484 -2.27 -20.77 9.16
CA GLY B 484 -2.19 -19.33 9.25
C GLY B 484 -2.73 -18.71 10.54
N GLN B 485 -3.75 -17.89 10.38
CA GLN B 485 -4.21 -17.07 11.53
C GLN B 485 -4.76 -17.97 12.59
N ASN B 486 -5.65 -18.87 12.16
CA ASN B 486 -6.28 -19.84 13.08
C ASN B 486 -5.76 -21.26 12.87
N GLN B 487 -5.10 -21.75 13.90
CA GLN B 487 -4.32 -23.01 13.84
C GLN B 487 -5.00 -24.12 14.62
N ARG B 488 -5.95 -24.81 13.97
CA ARG B 488 -6.73 -25.86 14.64
C ARG B 488 -5.96 -27.07 15.12
N TYR B 489 -4.81 -27.35 14.49
CA TYR B 489 -4.02 -28.52 14.79
C TYR B 489 -2.81 -28.22 15.71
N PHE B 490 -2.86 -27.09 16.42
CA PHE B 490 -1.78 -26.72 17.33
C PHE B 490 -1.49 -27.75 18.41
N PHE B 491 -2.45 -28.60 18.75
CA PHE B 491 -2.28 -29.67 19.75
C PHE B 491 -1.20 -30.68 19.39
N ALA B 492 -0.96 -30.84 18.09
CA ALA B 492 0.02 -31.85 17.62
C ALA B 492 1.46 -31.55 18.07
N ASN B 493 1.77 -30.28 18.36
CA ASN B 493 3.12 -29.95 18.90
C ASN B 493 3.33 -30.53 20.33
N HIS B 494 2.23 -30.97 20.96
CA HIS B 494 2.22 -31.52 22.33
C HIS B 494 1.97 -33.03 22.40
N ALA B 495 1.05 -33.53 21.58
CA ALA B 495 0.73 -34.96 21.48
C ALA B 495 -0.16 -35.25 20.27
N PHE B 496 0.12 -36.35 19.56
CA PHE B 496 -0.76 -36.75 18.46
C PHE B 496 -0.46 -38.19 18.04
N THR B 497 -1.46 -38.78 17.38
CA THR B 497 -1.31 -40.09 16.71
C THR B 497 -1.76 -39.91 15.24
N LEU B 498 -0.94 -40.33 14.28
CA LEU B 498 -1.26 -40.27 12.87
C LEU B 498 -1.26 -41.70 12.32
N VAL B 499 -2.36 -42.12 11.67
CA VAL B 499 -2.56 -43.53 11.28
C VAL B 499 -2.84 -43.62 9.74
N ALA B 500 -2.29 -44.62 9.03
CA ALA B 500 -2.61 -44.80 7.60
C ALA B 500 -2.30 -46.23 7.14
N SER B 501 -2.87 -46.59 5.99
CA SER B 501 -2.63 -47.88 5.38
C SER B 501 -1.91 -47.48 4.13
N VAL B 502 -0.79 -48.15 3.85
CA VAL B 502 0.06 -47.77 2.73
C VAL B 502 0.56 -48.97 1.89
N THR B 503 0.65 -48.75 0.58
CA THR B 503 1.09 -49.75 -0.36
C THR B 503 2.19 -49.16 -1.26
N ILE B 504 3.35 -49.84 -1.32
CA ILE B 504 4.48 -49.39 -2.15
C ILE B 504 4.44 -50.17 -3.50
N HIS B 505 4.36 -49.43 -4.60
CA HIS B 505 4.25 -49.98 -5.97
C HIS B 505 5.59 -50.09 -6.76
N GLU B 506 6.66 -49.45 -6.29
CA GLU B 506 7.99 -49.53 -6.95
C GLU B 506 9.10 -49.34 -5.89
N VAL B 507 10.18 -50.10 -6.03
CA VAL B 507 11.38 -49.92 -5.23
C VAL B 507 12.01 -48.56 -5.59
N PRO B 508 12.39 -47.77 -4.58
CA PRO B 508 13.00 -46.49 -4.85
C PRO B 508 14.49 -46.57 -5.19
N LYS B 509 15.02 -45.46 -5.70
CA LYS B 509 16.45 -45.30 -6.03
C LYS B 509 17.21 -44.92 -4.76
N GLY B 510 16.48 -44.37 -3.81
CA GLY B 510 16.99 -43.93 -2.52
C GLY B 510 15.84 -43.75 -1.50
N ALA B 511 16.19 -43.45 -0.25
CA ALA B 511 15.17 -43.37 0.81
C ALA B 511 14.05 -42.41 0.37
N SER B 512 12.79 -42.82 0.54
CA SER B 512 11.62 -42.07 0.04
C SER B 512 10.58 -41.98 1.16
N PRO B 513 9.89 -40.87 1.25
CA PRO B 513 8.93 -40.67 2.35
C PRO B 513 7.59 -41.32 2.19
N LEU B 514 6.98 -41.66 3.32
CA LEU B 514 5.67 -42.21 3.32
C LEU B 514 4.69 -41.35 4.17
N LEU B 515 5.15 -40.92 5.34
CA LEU B 515 4.29 -40.20 6.26
C LEU B 515 5.10 -39.61 7.40
N GLY B 516 4.76 -38.38 7.76
CA GLY B 516 5.48 -37.68 8.79
C GLY B 516 4.90 -36.34 9.24
N ALA B 517 5.55 -35.79 10.28
CA ALA B 517 5.28 -34.46 10.75
C ALA B 517 6.53 -33.56 10.48
N SER B 518 6.36 -32.52 9.70
CA SER B 518 7.48 -31.69 9.32
C SER B 518 7.59 -30.40 10.15
N LEU B 519 8.81 -30.10 10.54
CA LEU B 519 9.18 -28.92 11.23
C LEU B 519 9.38 -27.75 10.32
N ASP B 520 9.63 -27.98 9.03
CA ASP B 520 9.83 -26.87 8.13
C ASP B 520 8.98 -26.92 6.87
N SER B 521 9.11 -25.98 5.96
CA SER B 521 8.23 -26.06 4.79
C SER B 521 8.57 -27.14 3.71
N SER B 522 9.82 -27.58 3.59
CA SER B 522 10.18 -28.62 2.56
C SER B 522 9.94 -30.09 3.01
N GLY B 523 9.99 -30.33 4.32
CA GLY B 523 9.92 -31.67 4.87
C GLY B 523 11.30 -32.18 5.23
N GLY B 524 12.32 -31.33 5.01
CA GLY B 524 13.72 -31.66 5.31
C GLY B 524 13.98 -31.91 6.78
N LYS B 525 13.38 -31.09 7.65
CA LYS B 525 13.55 -31.22 9.10
C LYS B 525 12.27 -31.78 9.65
N LYS B 526 12.38 -32.97 10.23
CA LYS B 526 11.24 -33.72 10.63
C LYS B 526 11.20 -33.83 12.14
N LEU B 527 10.00 -33.91 12.69
CA LEU B 527 9.79 -34.26 14.10
C LEU B 527 9.72 -35.78 14.23
N LEU B 528 8.89 -36.38 13.38
CA LEU B 528 8.70 -37.82 13.40
C LEU B 528 8.13 -38.26 12.07
N GLY B 529 8.75 -39.31 11.51
CA GLY B 529 8.31 -39.81 10.23
C GLY B 529 8.79 -41.20 9.86
N LEU B 530 8.25 -41.67 8.73
CA LEU B 530 8.57 -43.00 8.21
C LEU B 530 8.87 -42.87 6.75
N SER B 531 10.02 -43.42 6.38
CA SER B 531 10.46 -43.50 5.02
C SER B 531 10.76 -44.99 4.70
N TYR B 532 11.07 -45.31 3.44
CA TYR B 532 11.40 -46.69 2.98
C TYR B 532 12.55 -46.62 1.95
N ASP B 533 13.34 -47.70 1.81
CA ASP B 533 14.56 -47.57 0.98
C ASP B 533 14.80 -48.67 -0.04
N LYS B 534 15.89 -48.49 -0.76
CA LYS B 534 16.37 -49.36 -1.85
C LYS B 534 16.47 -50.83 -1.43
N ARG B 535 16.82 -51.08 -0.17
CA ARG B 535 17.05 -52.44 0.28
C ARG B 535 15.86 -53.10 0.96
N HIS B 536 14.65 -52.62 0.69
CA HIS B 536 13.45 -53.20 1.28
C HIS B 536 13.42 -53.07 2.80
N GLN B 537 14.02 -52.01 3.30
CA GLN B 537 13.94 -51.74 4.72
C GLN B 537 13.14 -50.47 5.05
N TRP B 538 12.58 -50.42 6.25
CA TRP B 538 11.95 -49.22 6.72
C TRP B 538 13.01 -48.24 7.30
N GLN B 539 12.80 -46.94 7.03
CA GLN B 539 13.59 -45.87 7.67
C GLN B 539 12.71 -44.94 8.54
N PRO B 540 12.53 -45.29 9.81
CA PRO B 540 11.86 -44.41 10.77
C PRO B 540 12.80 -43.28 11.20
N ILE B 541 12.27 -42.06 11.27
CA ILE B 541 13.06 -40.89 11.60
C ILE B 541 12.59 -40.28 12.94
N TYR B 542 13.55 -40.15 13.85
CA TYR B 542 13.27 -39.65 15.19
C TYR B 542 13.95 -38.31 15.36
N GLY B 543 13.21 -37.25 15.14
CA GLY B 543 13.74 -35.90 15.22
C GLY B 543 14.94 -35.67 14.34
N SER B 544 16.05 -35.26 14.97
CA SER B 544 17.30 -35.06 14.25
C SER B 544 18.30 -36.21 14.51
N THR B 545 17.86 -37.26 15.19
CA THR B 545 18.70 -38.45 15.44
C THR B 545 19.14 -39.11 14.12
N PRO B 546 20.36 -39.66 14.02
CA PRO B 546 20.73 -40.36 12.78
C PRO B 546 19.78 -41.53 12.52
N VAL B 547 19.49 -41.83 11.25
CA VAL B 547 18.53 -42.89 10.93
C VAL B 547 19.20 -44.26 10.88
N THR B 548 18.57 -45.28 11.49
CA THR B 548 18.97 -46.69 11.36
C THR B 548 17.85 -47.44 10.58
N PRO B 549 18.13 -47.94 9.38
CA PRO B 549 17.11 -48.72 8.66
C PRO B 549 16.80 -50.01 9.39
N THR B 550 15.61 -50.59 9.25
CA THR B 550 15.24 -51.76 10.06
C THR B 550 14.01 -52.46 9.53
N GLY B 551 13.79 -53.71 9.93
CA GLY B 551 12.62 -54.45 9.45
C GLY B 551 12.69 -54.73 7.95
N SER B 552 11.57 -55.16 7.37
CA SER B 552 11.57 -55.55 5.97
C SER B 552 10.19 -55.37 5.32
N TRP B 553 10.13 -54.88 4.08
CA TRP B 553 8.82 -54.66 3.45
C TRP B 553 8.75 -55.27 2.04
N GLU B 554 7.54 -55.62 1.61
CA GLU B 554 7.36 -56.18 0.28
C GLU B 554 6.46 -55.29 -0.55
N MET B 555 6.78 -55.22 -1.83
CA MET B 555 6.03 -54.41 -2.77
C MET B 555 4.66 -55.01 -2.99
N GLY B 556 3.66 -54.14 -3.16
CA GLY B 556 2.27 -54.51 -3.29
C GLY B 556 1.49 -54.95 -2.05
N LYS B 557 2.13 -55.23 -0.94
CA LYS B 557 1.38 -55.59 0.28
C LYS B 557 0.88 -54.37 1.05
N ARG B 558 -0.33 -54.42 1.61
CA ARG B 558 -0.86 -53.27 2.39
C ARG B 558 -0.41 -53.31 3.82
N TYR B 559 0.39 -52.33 4.26
CA TYR B 559 0.87 -52.19 5.65
C TYR B 559 0.12 -51.12 6.44
N HIS B 560 -0.08 -51.35 7.75
CA HIS B 560 -0.76 -50.38 8.65
C HIS B 560 0.38 -49.62 9.32
N VAL B 561 0.35 -48.29 9.25
CA VAL B 561 1.40 -47.42 9.87
C VAL B 561 0.81 -46.55 10.99
N VAL B 562 1.44 -46.54 12.15
CA VAL B 562 0.99 -45.62 13.19
C VAL B 562 2.21 -44.82 13.73
N LEU B 563 2.06 -43.50 13.84
CA LEU B 563 3.06 -42.63 14.42
C LEU B 563 2.44 -41.97 15.67
N THR B 564 3.06 -42.13 16.83
CA THR B 564 2.55 -41.48 18.04
C THR B 564 3.65 -40.61 18.61
N MET B 565 3.22 -39.50 19.18
CA MET B 565 4.13 -38.59 19.85
C MET B 565 3.44 -38.04 21.10
N ALA B 566 4.10 -38.20 22.25
CA ALA B 566 3.61 -37.53 23.46
C ALA B 566 4.80 -37.50 24.44
N ASN B 567 4.75 -36.58 25.38
CA ASN B 567 5.88 -36.38 26.29
C ASN B 567 7.25 -36.35 25.59
N LYS B 568 7.29 -35.73 24.41
CA LYS B 568 8.54 -35.52 23.68
C LYS B 568 9.21 -36.80 23.13
N ILE B 569 8.53 -37.95 23.24
CA ILE B 569 9.01 -39.21 22.71
C ILE B 569 8.10 -39.73 21.55
N GLY B 570 8.73 -40.27 20.52
CA GLY B 570 8.02 -40.67 19.32
C GLY B 570 8.22 -42.12 19.03
N SER B 571 7.12 -42.75 18.56
CA SER B 571 7.14 -44.19 18.26
C SER B 571 6.59 -44.43 16.85
N VAL B 572 7.04 -45.51 16.20
CA VAL B 572 6.56 -45.88 14.87
C VAL B 572 6.18 -47.34 14.89
N TYR B 573 4.93 -47.65 14.54
CA TYR B 573 4.41 -49.03 14.51
C TYR B 573 4.07 -49.46 13.07
N ILE B 574 4.41 -50.72 12.76
CA ILE B 574 4.01 -51.30 11.46
C ILE B 574 3.25 -52.56 11.84
N ASP B 575 2.07 -52.70 11.26
CA ASP B 575 1.20 -53.84 11.50
C ASP B 575 1.09 -54.10 13.01
N GLY B 576 0.96 -52.98 13.72
CA GLY B 576 0.64 -52.97 15.13
C GLY B 576 1.76 -53.32 16.06
N GLU B 577 2.99 -53.33 15.57
CA GLU B 577 4.16 -53.64 16.37
C GLU B 577 5.21 -52.56 16.15
N PRO B 578 5.84 -52.12 17.24
CA PRO B 578 6.85 -51.05 17.22
C PRO B 578 8.08 -51.38 16.38
N LEU B 579 8.60 -50.43 15.60
CA LEU B 579 9.84 -50.66 14.88
C LEU B 579 11.02 -50.64 15.84
N GLU B 580 11.67 -51.79 16.03
CA GLU B 580 12.85 -51.87 16.88
C GLU B 580 13.49 -50.53 16.78
N GLY B 581 13.84 -49.92 17.91
CA GLY B 581 14.36 -48.55 17.91
C GLY B 581 13.28 -47.52 18.28
N SER B 582 12.07 -47.98 18.55
CA SER B 582 11.00 -47.01 18.78
C SER B 582 11.00 -46.45 20.19
N GLY B 583 10.44 -45.26 20.35
CA GLY B 583 10.32 -44.69 21.67
C GLY B 583 11.51 -43.83 22.04
N GLN B 584 12.06 -43.12 21.06
CA GLN B 584 13.18 -42.23 21.26
C GLN B 584 12.69 -40.75 21.46
N THR B 585 13.52 -39.92 22.10
CA THR B 585 13.23 -38.49 22.23
C THR B 585 13.26 -37.79 20.87
N VAL B 586 12.28 -36.94 20.60
CA VAL B 586 12.21 -36.27 19.32
C VAL B 586 12.23 -34.78 19.43
N VAL B 587 12.00 -34.30 20.65
CA VAL B 587 12.09 -32.88 20.93
C VAL B 587 12.90 -32.59 22.21
N PRO B 588 13.93 -31.78 22.09
CA PRO B 588 14.80 -31.39 23.23
C PRO B 588 14.13 -30.68 24.41
N GLU B 590 14.02 -28.43 26.64
CA GLU B 590 13.12 -27.30 26.62
C GLU B 590 13.01 -26.82 25.19
N ARG B 591 11.81 -26.50 24.80
CA ARG B 591 11.63 -26.15 23.42
C ARG B 591 10.43 -26.89 22.99
N THR B 592 9.49 -26.12 22.47
CA THR B 592 8.24 -26.62 21.98
C THR B 592 8.28 -26.57 20.47
N PRO B 593 7.93 -27.68 19.82
CA PRO B 593 7.93 -27.77 18.35
C PRO B 593 6.93 -26.82 17.73
N ASP B 594 7.11 -26.43 16.47
CA ASP B 594 6.12 -25.64 15.72
C ASP B 594 5.93 -26.38 14.38
N ILE B 595 5.18 -27.49 14.39
CA ILE B 595 5.01 -28.35 13.19
C ILE B 595 4.42 -27.55 12.02
N SER B 596 5.05 -27.63 10.85
CA SER B 596 4.55 -26.90 9.68
C SER B 596 3.28 -27.57 9.09
N HIS B 597 3.35 -28.87 8.98
CA HIS B 597 2.39 -29.69 8.22
C HIS B 597 2.68 -31.17 8.41
N PHE B 598 1.66 -31.99 8.20
CA PHE B 598 1.92 -33.39 8.02
C PHE B 598 2.05 -33.65 6.49
N TYR B 599 2.97 -34.54 6.09
CA TYR B 599 3.14 -35.01 4.68
C TYR B 599 2.68 -36.47 4.56
N VAL B 600 1.96 -36.75 3.47
CA VAL B 600 1.38 -38.07 3.25
C VAL B 600 1.59 -38.53 1.78
N GLY B 601 2.25 -39.67 1.63
CA GLY B 601 2.45 -40.29 0.30
C GLY B 601 3.43 -39.55 -0.59
N GLY B 602 4.23 -38.72 0.03
CA GLY B 602 5.23 -37.93 -0.66
C GLY B 602 5.43 -36.68 0.15
N TYR B 603 6.34 -35.80 -0.30
CA TYR B 603 6.50 -34.49 0.33
C TYR B 603 5.55 -33.42 -0.27
N LYS B 604 4.95 -33.72 -1.40
CA LYS B 604 4.24 -32.68 -2.17
C LYS B 604 5.15 -31.45 -2.35
N ARG B 605 6.44 -31.65 -2.58
CA ARG B 605 7.31 -30.52 -2.86
C ARG B 605 8.15 -30.79 -4.08
N SER B 606 7.99 -29.97 -5.11
CA SER B 606 8.74 -30.19 -6.35
C SER B 606 10.24 -30.11 -6.07
N GLY B 607 10.59 -29.34 -5.04
CA GLY B 607 11.98 -29.14 -4.67
C GLY B 607 12.61 -30.29 -3.92
N MET B 608 11.81 -31.28 -3.57
CA MET B 608 12.41 -32.45 -2.97
C MET B 608 12.55 -33.49 -4.12
N PRO B 609 13.73 -34.10 -4.25
CA PRO B 609 14.05 -34.99 -5.38
C PRO B 609 13.49 -36.39 -5.33
N THR B 610 12.64 -36.69 -4.36
CA THR B 610 12.18 -38.06 -4.17
C THR B 610 10.99 -38.33 -5.02
N ASP B 611 10.74 -39.62 -5.27
CA ASP B 611 9.60 -40.08 -6.10
C ASP B 611 8.95 -41.25 -5.36
N SER B 612 7.94 -40.95 -4.55
CA SER B 612 7.28 -41.98 -3.81
C SER B 612 6.09 -42.43 -4.66
N ARG B 613 6.09 -43.70 -5.04
CA ARG B 613 5.03 -44.28 -5.88
C ARG B 613 4.28 -45.17 -4.93
N VAL B 614 3.19 -44.65 -4.39
CA VAL B 614 2.53 -45.37 -3.33
C VAL B 614 1.10 -44.99 -3.28
N THR B 615 0.31 -45.89 -2.70
CA THR B 615 -1.10 -45.67 -2.44
C THR B 615 -1.32 -45.53 -0.94
N VAL B 616 -2.18 -44.58 -0.53
CA VAL B 616 -2.52 -44.37 0.88
C VAL B 616 -3.98 -44.34 1.06
N ASN B 617 -4.46 -45.10 2.02
CA ASN B 617 -5.88 -45.12 2.34
C ASN B 617 -6.11 -44.80 3.83
N ASN B 618 -7.27 -44.20 4.11
CA ASN B 618 -7.76 -44.07 5.48
C ASN B 618 -6.76 -43.44 6.50
N VAL B 619 -6.48 -42.15 6.33
CA VAL B 619 -5.59 -41.44 7.26
C VAL B 619 -6.39 -40.89 8.49
N LEU B 620 -6.01 -41.27 9.69
CA LEU B 620 -6.68 -40.75 10.88
C LEU B 620 -5.73 -39.87 11.70
N LEU B 621 -6.24 -38.75 12.22
CA LEU B 621 -5.42 -37.96 13.18
C LEU B 621 -6.10 -37.77 14.55
N TYR B 622 -5.41 -38.19 15.61
CA TYR B 622 -5.92 -38.09 17.00
C TYR B 622 -5.14 -37.01 17.80
N ASN B 623 -5.81 -36.32 18.74
CA ASN B 623 -5.10 -35.34 19.59
C ASN B 623 -4.38 -35.95 20.84
N ARG B 624 -4.08 -37.24 20.83
CA ARG B 624 -3.43 -37.91 22.00
C ARG B 624 -2.68 -39.15 21.49
N GLN B 625 -1.77 -39.69 22.33
CA GLN B 625 -1.12 -40.95 22.00
C GLN B 625 -2.06 -42.18 22.27
N LEU B 626 -2.40 -42.93 21.25
CA LEU B 626 -3.31 -44.05 21.45
C LEU B 626 -2.61 -45.16 22.27
N ASN B 627 -3.38 -45.99 22.99
CA ASN B 627 -2.75 -47.07 23.77
C ASN B 627 -2.59 -48.36 22.94
N ALA B 628 -1.99 -49.40 23.53
CA ALA B 628 -1.73 -50.64 22.82
C ALA B 628 -2.97 -51.27 22.21
N GLU B 629 -4.04 -51.31 22.99
CA GLU B 629 -5.28 -51.98 22.53
C GLU B 629 -5.82 -51.23 21.32
N GLU B 630 -5.84 -49.90 21.43
CA GLU B 630 -6.39 -49.04 20.39
C GLU B 630 -5.66 -49.21 19.04
N ILE B 631 -4.33 -49.30 19.10
CA ILE B 631 -3.49 -49.48 17.94
C ILE B 631 -3.74 -50.84 17.28
N ARG B 632 -3.82 -51.89 18.09
N ARG B 632 -3.82 -51.89 18.10
CA ARG B 632 -4.10 -53.23 17.54
CA ARG B 632 -4.11 -53.23 17.56
C ARG B 632 -5.45 -53.28 16.83
C ARG B 632 -5.45 -53.28 16.83
N THR B 633 -6.49 -52.78 17.49
CA THR B 633 -7.84 -52.72 16.92
C THR B 633 -7.87 -52.01 15.58
N LEU B 634 -7.15 -50.89 15.45
CA LEU B 634 -7.13 -50.17 14.19
C LEU B 634 -6.40 -51.04 13.14
N PHE B 635 -5.30 -51.68 13.52
CA PHE B 635 -4.61 -52.64 12.58
C PHE B 635 -5.58 -53.76 12.14
N LEU B 636 -6.24 -54.40 13.08
CA LEU B 636 -7.13 -55.48 12.68
C LEU B 636 -8.33 -55.04 11.84
N SER B 637 -8.75 -53.78 11.97
CA SER B 637 -9.92 -53.34 11.23
C SER B 637 -9.67 -52.49 9.99
N GLN B 638 -8.45 -52.51 9.45
CA GLN B 638 -8.10 -51.67 8.28
C GLN B 638 -9.05 -51.68 7.13
N ASP B 639 -9.60 -52.85 6.83
CA ASP B 639 -10.45 -53.00 5.68
C ASP B 639 -11.89 -52.77 6.02
N LEU B 640 -12.21 -52.45 7.27
CA LEU B 640 -13.58 -52.14 7.61
C LEU B 640 -13.91 -50.63 7.70
N ILE B 641 -12.90 -49.74 7.74
CA ILE B 641 -13.20 -48.35 8.11
C ILE B 641 -13.39 -47.33 6.99
N GLY B 642 -13.23 -47.68 5.74
CA GLY B 642 -13.27 -46.66 4.72
C GLY B 642 -14.68 -46.10 4.56
N THR B 643 -14.79 -44.88 4.06
CA THR B 643 -16.09 -44.22 3.84
C THR B 643 -16.76 -44.53 2.46
N GLU B 644 -16.05 -45.21 1.56
CA GLU B 644 -16.56 -45.47 0.21
C GLU B 644 -17.96 -46.06 0.21
N ALA B 645 -18.15 -47.09 1.01
CA ALA B 645 -19.40 -47.85 0.98
C ALA B 645 -20.56 -47.14 1.68
N HIS B 646 -20.26 -46.16 2.54
CA HIS B 646 -21.29 -45.31 3.19
C HIS B 646 -22.52 -46.06 3.69
#